data_8OVO
#
_entry.id   8OVO
#
_cell.length_a   65.760
_cell.length_b   77.480
_cell.length_c   196.840
_cell.angle_alpha   90.000
_cell.angle_beta   90.000
_cell.angle_gamma   90.000
#
_symmetry.space_group_name_H-M   'P 21 21 21'
#
loop_
_entity.id
_entity.type
_entity.pdbx_description
1 polymer 'Putative periplasmic binding transport protein,Green fluorescent protein'
2 non-polymer 'ASPARTIC ACID'
3 water water
#
_entity_poly.entity_id   1
_entity_poly.type   'polypeptide(L)'
_entity_poly.pdbx_seq_one_letter_code
;GAAGSTLDKIAKNGVIVVGHRESSVPFSYYDNQQKVVGYSQDYSNAIVEAVKKKLNKPDLQVKLIPITAQNRIPLLQNGT
FDFECGSTTNNVERQKQAAFSDTIFVVGTRLLTKKGGDIKDFANLKDKAVVVTSGTTSEVLLNKLNEEQKMNMRIISAKD
HGDSFRTLESGRAVAFMMDDVLLAGERAKAKKPDNWEIVGKPQSQEAYGCMLRKDDPQFKKLMDDTIAQVQTSGEAEKWF
DKWFKNPILVSHNVYITADKQKNGIKANFKIRHNVEDGSVQLADHYQQNTPIGDGPVLLPDNHYLSTQSVLSKDPNEKRD
HMVLLEFVTAAGITLGMDELYKGGTGGSMSKGEELFTGVVPILVELDGDVNGHKFSVRGEGEGDATNGKLTLKFICTTGK
LPVPWPTLVTTL(CRO)VQCFSRYPDHMKQHDFFKSAMPEGYVQERTISFKDDGTYKTRAEVKFEGDTLVNRIELKGIDF
KEDGNILGHKLEYNFNNPLNMNFELSDEMKALFKEPNDKALK
;
_entity_poly.pdbx_strand_id   A,B
#
# COMPACT_ATOMS: atom_id res chain seq x y z
N ALA A 2 35.26 27.70 9.64
CA ALA A 2 36.39 27.36 10.51
C ALA A 2 36.21 25.99 11.17
N ALA A 3 35.19 25.24 10.76
CA ALA A 3 34.85 23.98 11.42
C ALA A 3 35.56 22.78 10.80
N GLY A 4 36.49 22.99 9.88
CA GLY A 4 37.08 21.88 9.18
C GLY A 4 36.27 21.48 7.95
N SER A 5 36.91 20.70 7.09
CA SER A 5 36.39 20.50 5.74
C SER A 5 35.00 19.88 5.77
N THR A 6 34.84 18.78 6.49
CA THR A 6 33.58 18.05 6.41
C THR A 6 32.45 18.80 7.13
N LEU A 7 32.72 19.34 8.32
CA LEU A 7 31.67 20.12 8.98
C LEU A 7 31.33 21.38 8.20
N ASP A 8 32.31 21.99 7.51
CA ASP A 8 32.01 23.13 6.65
C ASP A 8 31.10 22.72 5.50
N LYS A 9 31.37 21.55 4.91
CA LYS A 9 30.56 21.03 3.80
C LYS A 9 29.14 20.72 4.27
N ILE A 10 29.02 20.10 5.44
CA ILE A 10 27.69 19.77 5.96
C ILE A 10 26.88 21.04 6.24
N ALA A 11 27.51 22.05 6.85
CA ALA A 11 26.77 23.28 7.14
C ALA A 11 26.30 23.97 5.86
N LYS A 12 27.15 23.94 4.84
CA LYS A 12 26.80 24.50 3.53
C LYS A 12 25.58 23.81 2.93
N ASN A 13 25.58 22.47 2.97
CA ASN A 13 24.57 21.66 2.29
C ASN A 13 23.27 21.59 3.08
N GLY A 14 23.34 21.63 4.43
CA GLY A 14 22.17 21.36 5.25
C GLY A 14 21.80 19.90 5.29
N VAL A 15 22.69 19.02 4.82
CA VAL A 15 22.51 17.57 4.76
C VAL A 15 23.84 16.93 5.09
N ILE A 16 23.81 15.85 5.88
CA ILE A 16 24.99 15.01 6.08
C ILE A 16 24.78 13.73 5.27
N VAL A 17 25.75 13.39 4.45
CA VAL A 17 25.66 12.24 3.55
C VAL A 17 26.42 11.09 4.19
N VAL A 18 25.76 9.95 4.38
CA VAL A 18 26.30 8.85 5.19
C VAL A 18 26.37 7.59 4.32
N GLY A 19 27.57 7.01 4.19
CA GLY A 19 27.67 5.72 3.50
C GLY A 19 27.20 4.57 4.39
N HIS A 20 26.58 3.57 3.77
CA HIS A 20 26.12 2.38 4.49
C HIS A 20 26.37 1.15 3.64
N ARG A 21 26.44 -0.01 4.31
CA ARG A 21 26.61 -1.27 3.60
C ARG A 21 25.26 -1.92 3.33
N GLU A 22 25.28 -2.93 2.46
CA GLU A 22 24.05 -3.57 2.04
C GLU A 22 23.83 -4.92 2.72
N SER A 23 24.88 -5.56 3.23
CA SER A 23 24.76 -6.93 3.72
C SER A 23 25.81 -7.23 4.77
N SER A 24 26.13 -6.25 5.63
CA SER A 24 27.01 -6.51 6.77
C SER A 24 26.12 -6.72 7.99
N VAL A 25 25.79 -7.98 8.28
CA VAL A 25 24.75 -8.34 9.26
C VAL A 25 25.40 -8.70 10.59
N PRO A 26 24.96 -8.10 11.73
CA PRO A 26 23.88 -7.12 11.85
C PRO A 26 24.40 -5.70 12.14
N PHE A 27 25.29 -5.20 11.29
CA PHE A 27 25.90 -3.89 11.50
C PHE A 27 25.31 -2.81 10.61
N SER A 28 25.14 -3.11 9.33
CA SER A 28 24.68 -2.14 8.35
C SER A 28 24.18 -2.99 7.18
N TYR A 29 22.86 -3.13 7.08
CA TYR A 29 22.27 -4.04 6.10
C TYR A 29 20.83 -3.61 5.86
N TYR A 30 20.31 -4.02 4.70
CA TYR A 30 18.91 -3.76 4.37
C TYR A 30 18.04 -4.81 5.05
N ASP A 31 17.04 -4.37 5.81
CA ASP A 31 16.06 -5.32 6.31
C ASP A 31 15.07 -5.64 5.19
N ASN A 32 14.07 -6.47 5.48
CA ASN A 32 13.25 -6.94 4.37
C ASN A 32 12.28 -5.89 3.86
N GLN A 33 12.25 -4.70 4.46
CA GLN A 33 11.53 -3.56 3.91
C GLN A 33 12.46 -2.47 3.40
N GLN A 34 13.71 -2.83 3.08
CA GLN A 34 14.72 -1.96 2.50
C GLN A 34 15.08 -0.78 3.40
N LYS A 35 14.85 -0.90 4.71
CA LYS A 35 15.40 0.06 5.66
C LYS A 35 16.82 -0.35 6.03
N VAL A 36 17.73 0.61 6.04
CA VAL A 36 19.10 0.33 6.47
C VAL A 36 19.13 0.33 7.99
N VAL A 37 19.55 -0.79 8.58
CA VAL A 37 19.52 -0.97 10.03
C VAL A 37 20.81 -1.62 10.49
N GLY A 38 21.01 -1.61 11.81
CA GLY A 38 22.09 -2.35 12.41
C GLY A 38 22.81 -1.62 13.52
N TYR A 39 23.67 -2.38 14.19
CA TYR A 39 24.48 -1.91 15.29
C TYR A 39 25.31 -0.68 14.90
N SER A 40 25.94 -0.73 13.71
CA SER A 40 26.74 0.42 13.29
C SER A 40 25.86 1.61 12.92
N GLN A 41 24.64 1.36 12.46
CA GLN A 41 23.75 2.47 12.17
C GLN A 41 23.32 3.19 13.44
N ASP A 42 23.30 2.50 14.58
CA ASP A 42 23.04 3.18 15.84
C ASP A 42 24.13 4.21 16.12
N TYR A 43 25.39 3.86 15.85
CA TYR A 43 26.47 4.85 15.93
C TYR A 43 26.31 5.95 14.89
N SER A 44 25.95 5.58 13.66
CA SER A 44 25.76 6.61 12.63
CA SER A 44 25.76 6.61 12.63
C SER A 44 24.73 7.63 13.07
N ASN A 45 23.60 7.17 13.61
CA ASN A 45 22.57 8.10 14.05
CA ASN A 45 22.57 8.11 14.06
C ASN A 45 23.06 8.97 15.21
N ALA A 46 23.85 8.39 16.12
CA ALA A 46 24.36 9.18 17.23
C ALA A 46 25.33 10.25 16.74
N ILE A 47 26.13 9.93 15.72
CA ILE A 47 27.04 10.93 15.16
C ILE A 47 26.23 12.02 14.44
N VAL A 48 25.17 11.64 13.72
CA VAL A 48 24.36 12.66 13.06
C VAL A 48 23.78 13.63 14.09
N GLU A 49 23.29 13.10 15.20
CA GLU A 49 22.74 13.98 16.24
C GLU A 49 23.82 14.84 16.86
N ALA A 50 25.03 14.31 17.02
CA ALA A 50 26.11 15.15 17.53
C ALA A 50 26.45 16.27 16.55
N VAL A 51 26.40 15.98 15.24
CA VAL A 51 26.65 17.01 14.24
C VAL A 51 25.59 18.11 14.29
N LYS A 52 24.31 17.74 14.44
CA LYS A 52 23.26 18.76 14.59
C LYS A 52 23.57 19.71 15.75
N LYS A 53 24.07 19.16 16.85
CA LYS A 53 24.40 20.00 18.00
C LYS A 53 25.63 20.85 17.74
N LYS A 54 26.67 20.26 17.15
CA LYS A 54 27.92 21.00 16.94
C LYS A 54 27.72 22.19 16.01
N LEU A 55 26.87 22.02 15.00
CA LEU A 55 26.65 23.04 13.98
C LEU A 55 25.49 23.95 14.33
N ASN A 56 24.77 23.64 15.41
CA ASN A 56 23.54 24.34 15.76
C ASN A 56 22.59 24.38 14.57
N LYS A 57 22.40 23.20 13.97
CA LYS A 57 21.49 23.02 12.82
C LYS A 57 20.56 21.88 13.18
N PRO A 58 19.51 22.16 13.97
CA PRO A 58 18.65 21.09 14.47
C PRO A 58 17.80 20.45 13.38
N ASP A 59 17.62 21.14 12.24
CA ASP A 59 16.84 20.64 11.11
CA ASP A 59 16.84 20.61 11.13
C ASP A 59 17.71 19.99 10.04
N LEU A 60 18.98 19.69 10.35
CA LEU A 60 19.86 19.04 9.37
C LEU A 60 19.21 17.77 8.83
N GLN A 61 19.35 17.53 7.54
CA GLN A 61 18.85 16.31 6.94
C GLN A 61 19.96 15.27 6.84
N VAL A 62 19.56 14.02 6.61
CA VAL A 62 20.50 12.92 6.48
CA VAL A 62 20.49 12.90 6.48
C VAL A 62 20.22 12.19 5.17
N LYS A 63 21.27 11.75 4.48
CA LYS A 63 21.09 11.03 3.22
C LYS A 63 22.03 9.83 3.22
N LEU A 64 21.48 8.65 3.47
CA LEU A 64 22.26 7.43 3.39
C LEU A 64 22.44 7.02 1.93
N ILE A 65 23.65 6.61 1.56
CA ILE A 65 23.94 6.13 0.20
C ILE A 65 24.71 4.81 0.27
N PRO A 66 24.42 3.87 -0.62
CA PRO A 66 25.05 2.55 -0.52
C PRO A 66 26.48 2.55 -1.04
N ILE A 67 27.35 1.85 -0.30
CA ILE A 67 28.75 1.66 -0.69
C ILE A 67 29.08 0.18 -0.62
N THR A 68 30.23 -0.18 -1.20
CA THR A 68 30.74 -1.53 -1.17
C THR A 68 32.16 -1.54 -0.60
N ALA A 69 32.63 -2.74 -0.29
CA ALA A 69 34.01 -2.88 0.16
C ALA A 69 34.98 -2.43 -0.92
N GLN A 70 34.57 -2.54 -2.19
CA GLN A 70 35.44 -2.13 -3.28
CA GLN A 70 35.43 -2.13 -3.29
C GLN A 70 35.45 -0.61 -3.48
N ASN A 71 34.29 0.05 -3.38
CA ASN A 71 34.28 1.46 -3.76
C ASN A 71 34.25 2.43 -2.58
N ARG A 72 34.33 1.94 -1.33
CA ARG A 72 34.12 2.83 -0.19
C ARG A 72 35.20 3.91 -0.11
N ILE A 73 36.45 3.56 -0.37
CA ILE A 73 37.49 4.59 -0.20
C ILE A 73 37.46 5.62 -1.33
N PRO A 74 37.39 5.23 -2.61
CA PRO A 74 37.27 6.26 -3.65
C PRO A 74 36.06 7.17 -3.48
N LEU A 75 34.91 6.63 -3.07
CA LEU A 75 33.72 7.47 -2.88
C LEU A 75 33.87 8.41 -1.68
N LEU A 76 34.61 7.99 -0.67
CA LEU A 76 34.92 8.89 0.44
C LEU A 76 35.81 10.03 -0.04
N GLN A 77 36.86 9.67 -0.78
CA GLN A 77 37.88 10.64 -1.16
C GLN A 77 37.32 11.75 -2.07
N ASN A 78 36.37 11.43 -2.93
CA ASN A 78 35.80 12.45 -3.81
C ASN A 78 34.54 13.07 -3.25
N GLY A 79 34.26 12.85 -1.97
CA GLY A 79 33.21 13.59 -1.30
C GLY A 79 31.81 13.10 -1.58
N THR A 80 31.68 11.87 -2.08
CA THR A 80 30.35 11.33 -2.35
C THR A 80 29.59 11.05 -1.06
N PHE A 81 30.29 10.74 0.04
CA PHE A 81 29.69 10.71 1.37
C PHE A 81 30.67 11.32 2.36
N ASP A 82 30.15 11.64 3.53
CA ASP A 82 30.93 12.31 4.58
C ASP A 82 31.58 11.34 5.55
N PHE A 83 30.87 10.28 5.97
CA PHE A 83 31.45 9.21 6.77
C PHE A 83 30.59 7.97 6.59
N GLU A 84 31.10 6.83 7.04
CA GLU A 84 30.35 5.58 7.06
C GLU A 84 30.68 4.76 8.30
N CYS A 85 29.65 4.15 8.87
CA CYS A 85 29.81 3.19 9.96
C CYS A 85 29.18 1.88 9.49
N GLY A 86 29.97 0.82 9.50
CA GLY A 86 29.49 -0.47 9.07
C GLY A 86 30.42 -1.54 9.58
N SER A 87 31.21 -2.10 8.68
CA SER A 87 32.09 -3.20 9.05
C SER A 87 33.46 -3.04 8.43
N THR A 88 33.91 -1.79 8.27
CA THR A 88 35.23 -1.52 7.67
C THR A 88 36.34 -1.64 8.69
N THR A 89 37.29 -2.52 8.38
CA THR A 89 38.48 -2.67 9.19
C THR A 89 39.36 -1.44 9.09
N ASN A 90 39.74 -0.93 10.26
CA ASN A 90 40.78 0.09 10.38
C ASN A 90 42.15 -0.61 10.34
N ASN A 91 42.96 -0.34 9.31
CA ASN A 91 44.31 -0.90 9.33
C ASN A 91 45.27 0.16 8.82
N VAL A 92 46.56 -0.12 8.98
CA VAL A 92 47.58 0.88 8.66
C VAL A 92 47.60 1.20 7.16
N GLU A 93 47.38 0.19 6.32
CA GLU A 93 47.32 0.42 4.88
C GLU A 93 46.24 1.44 4.52
N ARG A 94 45.03 1.24 5.06
CA ARG A 94 43.92 2.13 4.71
C ARG A 94 44.04 3.51 5.35
N GLN A 95 44.80 3.65 6.44
CA GLN A 95 45.05 4.95 7.04
C GLN A 95 45.86 5.85 6.10
N LYS A 96 46.52 5.27 5.10
CA LYS A 96 47.14 6.10 4.06
C LYS A 96 46.10 6.80 3.20
N GLN A 97 44.86 6.28 3.16
CA GLN A 97 43.82 6.77 2.28
C GLN A 97 42.66 7.42 3.02
N ALA A 98 42.49 7.11 4.31
CA ALA A 98 41.31 7.51 5.06
C ALA A 98 41.65 7.58 6.54
N ALA A 99 40.79 8.26 7.29
CA ALA A 99 40.88 8.29 8.75
C ALA A 99 39.81 7.37 9.34
N PHE A 100 40.08 6.91 10.55
CA PHE A 100 39.17 5.99 11.24
C PHE A 100 38.85 6.52 12.63
N SER A 101 37.59 6.37 13.02
CA SER A 101 37.12 6.74 14.34
C SER A 101 37.58 5.74 15.39
N ASP A 102 37.23 6.01 16.64
CA ASP A 102 37.31 5.00 17.67
C ASP A 102 36.66 3.72 17.17
N THR A 103 37.25 2.60 17.57
CA THR A 103 36.81 1.26 17.19
C THR A 103 35.43 0.93 17.77
N ILE A 104 34.57 0.30 16.97
CA ILE A 104 33.23 -0.09 17.43
C ILE A 104 33.04 -1.60 17.52
N PHE A 105 33.95 -2.42 16.99
CA PHE A 105 33.81 -3.86 17.11
C PHE A 105 35.16 -4.49 16.82
N VAL A 106 35.33 -5.72 17.27
CA VAL A 106 36.57 -6.47 17.08
C VAL A 106 36.22 -7.87 16.59
N VAL A 107 36.92 -8.35 15.55
CA VAL A 107 36.58 -9.59 14.89
C VAL A 107 37.82 -10.43 14.63
N GLY A 108 37.59 -11.71 14.39
CA GLY A 108 38.61 -12.59 13.82
C GLY A 108 38.10 -13.21 12.54
N THR A 109 38.99 -13.37 11.56
CA THR A 109 38.60 -13.88 10.25
C THR A 109 38.63 -15.41 10.25
N ARG A 110 37.48 -16.04 9.97
CA ARG A 110 37.32 -17.48 10.15
C ARG A 110 36.56 -18.05 8.96
N LEU A 111 36.06 -19.28 9.10
CA LEU A 111 35.37 -19.99 8.04
C LEU A 111 33.97 -20.37 8.48
N LEU A 112 33.02 -20.26 7.57
CA LEU A 112 31.68 -20.82 7.77
C LEU A 112 31.54 -22.03 6.86
N THR A 113 31.03 -23.13 7.40
CA THR A 113 30.97 -24.36 6.63
C THR A 113 29.81 -25.23 7.13
N LYS A 114 29.45 -26.22 6.32
CA LYS A 114 28.39 -27.15 6.66
C LYS A 114 28.80 -27.99 7.87
N LYS A 115 27.85 -28.13 8.81
CA LYS A 115 28.17 -28.71 10.11
C LYS A 115 28.71 -30.13 10.00
N GLY A 116 28.11 -30.96 9.15
CA GLY A 116 28.51 -32.35 9.11
C GLY A 116 29.48 -32.72 7.99
N GLY A 117 30.40 -31.82 7.64
CA GLY A 117 31.25 -31.96 6.49
C GLY A 117 32.72 -32.10 6.84
N ASP A 118 33.57 -31.79 5.85
CA ASP A 118 35.00 -32.07 5.91
C ASP A 118 35.85 -30.97 6.51
N ILE A 119 35.36 -29.73 6.53
CA ILE A 119 36.21 -28.57 6.79
C ILE A 119 36.27 -28.31 8.29
N LYS A 120 37.43 -28.55 8.88
CA LYS A 120 37.70 -28.24 10.27
C LYS A 120 38.72 -27.13 10.45
N ASP A 121 39.63 -26.95 9.49
CA ASP A 121 40.57 -25.84 9.56
CA ASP A 121 40.65 -25.91 9.56
C ASP A 121 40.91 -25.40 8.14
N PHE A 122 41.69 -24.33 8.06
CA PHE A 122 42.01 -23.76 6.76
C PHE A 122 42.74 -24.77 5.87
N ALA A 123 43.56 -25.64 6.45
CA ALA A 123 44.29 -26.62 5.64
C ALA A 123 43.34 -27.54 4.88
N ASN A 124 42.13 -27.75 5.39
CA ASN A 124 41.18 -28.61 4.70
C ASN A 124 40.67 -28.00 3.41
N LEU A 125 41.05 -26.76 3.09
CA LEU A 125 40.56 -26.09 1.89
C LEU A 125 41.37 -26.42 0.64
N LYS A 126 42.47 -27.17 0.76
CA LYS A 126 43.26 -27.53 -0.41
C LYS A 126 42.41 -28.16 -1.49
N ASP A 127 42.59 -27.67 -2.72
CA ASP A 127 41.98 -28.22 -3.94
C ASP A 127 40.46 -28.08 -3.97
N LYS A 128 39.90 -27.20 -3.14
CA LYS A 128 38.46 -27.05 -3.04
C LYS A 128 38.04 -25.62 -3.38
N ALA A 129 36.75 -25.48 -3.66
CA ALA A 129 36.18 -24.17 -3.97
C ALA A 129 35.89 -23.43 -2.66
N VAL A 130 36.29 -22.16 -2.60
CA VAL A 130 36.14 -21.34 -1.39
C VAL A 130 35.63 -19.97 -1.81
N VAL A 131 34.66 -19.45 -1.07
CA VAL A 131 34.07 -18.16 -1.41
C VAL A 131 34.50 -17.13 -0.38
N VAL A 132 34.67 -15.90 -0.86
CA VAL A 132 35.09 -14.76 -0.03
C VAL A 132 34.52 -13.52 -0.69
N THR A 133 34.30 -12.47 0.10
CA THR A 133 33.69 -11.27 -0.45
C THR A 133 34.75 -10.37 -1.08
N SER A 134 34.45 -9.91 -2.30
CA SER A 134 35.34 -9.04 -3.06
C SER A 134 35.69 -7.77 -2.31
N GLY A 135 36.99 -7.41 -2.32
CA GLY A 135 37.41 -6.14 -1.78
C GLY A 135 37.68 -6.11 -0.29
N THR A 136 37.67 -7.27 0.39
CA THR A 136 37.78 -7.33 1.84
C THR A 136 39.16 -7.77 2.28
N THR A 137 39.47 -7.52 3.56
CA THR A 137 40.71 -8.01 4.13
C THR A 137 40.80 -9.53 4.03
N SER A 138 39.67 -10.24 4.09
CA SER A 138 39.72 -11.69 4.01
C SER A 138 40.10 -12.15 2.60
N GLU A 139 39.70 -11.41 1.58
CA GLU A 139 40.10 -11.77 0.23
C GLU A 139 41.62 -11.72 0.10
N VAL A 140 42.23 -10.66 0.63
CA VAL A 140 43.67 -10.51 0.56
C VAL A 140 44.34 -11.66 1.31
N LEU A 141 43.85 -11.97 2.51
CA LEU A 141 44.44 -13.02 3.32
C LEU A 141 44.28 -14.38 2.65
N LEU A 142 43.10 -14.66 2.10
CA LEU A 142 42.84 -15.96 1.48
C LEU A 142 43.69 -16.17 0.24
N ASN A 143 43.94 -15.11 -0.53
CA ASN A 143 44.80 -15.27 -1.69
C ASN A 143 46.26 -15.42 -1.28
N LYS A 144 46.70 -14.70 -0.23
CA LYS A 144 48.07 -14.88 0.23
C LYS A 144 48.29 -16.29 0.77
N LEU A 145 47.29 -16.84 1.47
CA LEU A 145 47.43 -18.20 1.96
C LEU A 145 47.46 -19.20 0.83
N ASN A 146 46.75 -18.91 -0.26
CA ASN A 146 46.68 -19.82 -1.41
C ASN A 146 48.03 -19.95 -2.09
N GLU A 147 48.77 -18.83 -2.20
CA GLU A 147 50.10 -18.86 -2.82
C GLU A 147 51.20 -19.26 -1.85
N GLU A 148 51.21 -18.72 -0.64
CA GLU A 148 52.28 -19.03 0.30
C GLU A 148 52.24 -20.47 0.76
N GLN A 149 51.07 -21.10 0.79
CA GLN A 149 50.95 -22.50 1.16
C GLN A 149 50.63 -23.39 -0.05
N LYS A 150 50.61 -22.82 -1.25
CA LYS A 150 50.42 -23.55 -2.51
C LYS A 150 49.25 -24.54 -2.39
N MET A 151 48.07 -23.96 -2.10
CA MET A 151 46.90 -24.72 -1.71
C MET A 151 45.99 -25.10 -2.87
N ASN A 152 46.18 -24.48 -4.04
CA ASN A 152 45.38 -24.78 -5.24
C ASN A 152 43.89 -24.60 -4.96
N MET A 153 43.56 -23.51 -4.28
CA MET A 153 42.18 -23.21 -3.94
C MET A 153 41.53 -22.56 -5.15
N ARG A 154 40.25 -22.86 -5.38
CA ARG A 154 39.48 -22.15 -6.40
C ARG A 154 38.64 -21.10 -5.67
N ILE A 155 39.17 -19.87 -5.62
CA ILE A 155 38.57 -18.80 -4.82
C ILE A 155 37.52 -18.08 -5.66
N ILE A 156 36.27 -18.15 -5.19
CA ILE A 156 35.16 -17.41 -5.78
C ILE A 156 35.03 -16.08 -5.07
N SER A 157 35.07 -14.99 -5.83
CA SER A 157 34.99 -13.63 -5.29
C SER A 157 33.59 -13.09 -5.51
N ALA A 158 32.78 -13.07 -4.45
CA ALA A 158 31.38 -12.67 -4.55
C ALA A 158 31.19 -11.18 -4.24
N LYS A 159 30.05 -10.65 -4.72
CA LYS A 159 29.80 -9.22 -4.74
C LYS A 159 29.61 -8.63 -3.34
N ASP A 160 28.95 -9.36 -2.45
CA ASP A 160 28.76 -8.92 -1.08
C ASP A 160 28.50 -10.15 -0.22
N HIS A 161 28.36 -9.93 1.09
CA HIS A 161 28.41 -11.04 2.02
C HIS A 161 27.22 -11.98 1.84
N GLY A 162 26.04 -11.45 1.53
CA GLY A 162 24.90 -12.31 1.26
C GLY A 162 25.13 -13.20 0.06
N ASP A 163 25.67 -12.65 -1.03
CA ASP A 163 25.98 -13.45 -2.20
C ASP A 163 27.06 -14.49 -1.88
N SER A 164 28.05 -14.11 -1.08
CA SER A 164 29.04 -15.08 -0.63
C SER A 164 28.37 -16.24 0.10
N PHE A 165 27.52 -15.93 1.08
CA PHE A 165 26.92 -17.01 1.87
C PHE A 165 26.07 -17.93 0.99
N ARG A 166 25.32 -17.36 0.06
CA ARG A 166 24.45 -18.19 -0.78
C ARG A 166 25.27 -19.04 -1.73
N THR A 167 26.49 -18.64 -2.04
CA THR A 167 27.42 -19.52 -2.75
C THR A 167 27.70 -20.76 -1.92
N LEU A 168 27.91 -20.58 -0.62
CA LEU A 168 28.13 -21.70 0.30
C LEU A 168 26.86 -22.52 0.48
N GLU A 169 25.73 -21.84 0.68
CA GLU A 169 24.46 -22.52 0.94
C GLU A 169 24.03 -23.40 -0.24
N SER A 170 24.25 -22.93 -1.46
CA SER A 170 23.89 -23.65 -2.67
C SER A 170 24.90 -24.73 -3.05
N GLY A 171 25.92 -24.95 -2.23
CA GLY A 171 26.89 -25.99 -2.47
C GLY A 171 27.96 -25.66 -3.49
N ARG A 172 27.97 -24.45 -4.04
CA ARG A 172 28.97 -24.06 -5.03
C ARG A 172 30.31 -23.74 -4.41
N ALA A 173 30.39 -23.70 -3.08
CA ALA A 173 31.64 -23.59 -2.36
C ALA A 173 31.53 -24.42 -1.09
N VAL A 174 32.68 -24.84 -0.55
CA VAL A 174 32.70 -25.67 0.64
C VAL A 174 32.83 -24.83 1.90
N ALA A 175 33.24 -23.58 1.79
CA ALA A 175 33.40 -22.71 2.94
C ALA A 175 33.39 -21.27 2.47
N PHE A 176 33.09 -20.37 3.42
CA PHE A 176 33.06 -18.92 3.22
C PHE A 176 33.96 -18.32 4.28
N MET A 177 35.01 -17.62 3.86
CA MET A 177 35.89 -16.99 4.83
C MET A 177 35.54 -15.51 4.96
N MET A 178 35.31 -15.07 6.20
CA MET A 178 34.97 -13.68 6.49
C MET A 178 35.16 -13.46 7.99
N ASP A 179 35.16 -12.18 8.38
CA ASP A 179 34.99 -11.77 9.78
C ASP A 179 33.97 -12.68 10.45
N ASP A 180 34.33 -13.20 11.64
CA ASP A 180 33.47 -14.21 12.25
C ASP A 180 32.06 -13.69 12.53
N VAL A 181 31.94 -12.44 12.98
CA VAL A 181 30.60 -11.94 13.32
C VAL A 181 29.73 -11.80 12.07
N LEU A 182 30.33 -11.46 10.92
CA LEU A 182 29.55 -11.36 9.69
C LEU A 182 29.12 -12.73 9.20
N LEU A 183 29.96 -13.75 9.42
CA LEU A 183 29.56 -15.13 9.18
C LEU A 183 28.33 -15.48 10.01
N ALA A 184 28.36 -15.12 11.29
CA ALA A 184 27.22 -15.38 12.17
C ALA A 184 26.00 -14.64 11.66
N GLY A 185 26.19 -13.43 11.12
CA GLY A 185 25.06 -12.67 10.60
C GLY A 185 24.42 -13.34 9.38
N GLU A 186 25.23 -13.76 8.42
CA GLU A 186 24.62 -14.41 7.26
C GLU A 186 23.99 -15.73 7.67
N ARG A 187 24.63 -16.45 8.59
CA ARG A 187 24.06 -17.69 9.10
C ARG A 187 22.68 -17.45 9.70
N ALA A 188 22.52 -16.36 10.45
CA ALA A 188 21.22 -16.06 11.04
C ALA A 188 20.12 -15.88 10.00
N LYS A 189 20.48 -15.45 8.80
CA LYS A 189 19.54 -15.26 7.70
C LYS A 189 19.39 -16.49 6.81
N ALA A 190 20.09 -17.57 7.10
CA ALA A 190 20.11 -18.74 6.27
C ALA A 190 18.76 -19.47 6.28
N LYS A 191 18.56 -20.31 5.27
CA LYS A 191 17.38 -21.18 5.24
C LYS A 191 17.34 -22.06 6.48
N LYS A 192 18.45 -22.72 6.80
CA LYS A 192 18.57 -23.54 8.00
C LYS A 192 19.82 -23.11 8.76
N PRO A 193 19.71 -22.06 9.60
CA PRO A 193 20.87 -21.57 10.35
C PRO A 193 21.64 -22.67 11.07
N ASP A 194 20.96 -23.65 11.64
CA ASP A 194 21.66 -24.64 12.46
C ASP A 194 22.53 -25.58 11.65
N ASN A 195 22.45 -25.55 10.31
CA ASN A 195 23.28 -26.39 9.46
C ASN A 195 24.71 -25.87 9.33
N TRP A 196 25.01 -24.69 9.84
CA TRP A 196 26.25 -24.00 9.54
C TRP A 196 27.07 -23.72 10.79
N GLU A 197 28.39 -23.86 10.64
CA GLU A 197 29.34 -23.88 11.73
C GLU A 197 30.50 -22.95 11.39
N ILE A 198 30.96 -22.20 12.38
CA ILE A 198 32.13 -21.33 12.25
C ILE A 198 33.32 -22.09 12.80
N VAL A 199 34.34 -22.30 11.95
CA VAL A 199 35.50 -23.11 12.30
C VAL A 199 36.76 -22.37 11.86
N GLY A 200 37.89 -22.92 12.28
CA GLY A 200 39.20 -22.48 11.81
C GLY A 200 39.89 -21.54 12.77
N LYS A 201 41.21 -21.56 12.74
CA LYS A 201 41.98 -20.59 13.50
C LYS A 201 41.85 -19.22 12.83
N PRO A 202 41.56 -18.15 13.56
CA PRO A 202 41.44 -16.83 12.93
C PRO A 202 42.73 -16.46 12.21
N GLN A 203 42.59 -16.01 10.97
CA GLN A 203 43.74 -15.56 10.19
C GLN A 203 44.17 -14.14 10.53
N SER A 204 43.35 -13.39 11.25
CA SER A 204 43.68 -12.04 11.65
C SER A 204 42.74 -11.60 12.76
N GLN A 205 43.13 -10.54 13.46
CA GLN A 205 42.29 -9.83 14.40
C GLN A 205 42.12 -8.41 13.88
N GLU A 206 40.88 -7.93 13.78
CA GLU A 206 40.64 -6.66 13.09
C GLU A 206 39.63 -5.82 13.84
N ALA A 207 39.86 -4.52 13.85
CA ALA A 207 39.00 -3.53 14.50
C ALA A 207 38.13 -2.83 13.47
N TYR A 208 36.83 -2.76 13.73
CA TYR A 208 35.95 -1.95 12.88
C TYR A 208 36.00 -0.51 13.32
N GLY A 209 36.16 0.43 12.38
CA GLY A 209 36.05 1.84 12.70
C GLY A 209 35.12 2.53 11.73
N CYS A 210 34.59 3.67 12.15
CA CYS A 210 33.84 4.52 11.23
C CYS A 210 34.85 5.29 10.38
N MET A 211 34.71 5.23 9.05
CA MET A 211 35.59 5.93 8.09
C MET A 211 35.18 7.35 7.77
N LEU A 212 36.19 8.24 7.70
CA LEU A 212 36.00 9.63 7.29
C LEU A 212 37.25 10.07 6.55
N ARG A 213 37.21 11.28 6.00
CA ARG A 213 38.34 11.73 5.21
C ARG A 213 39.54 12.04 6.11
N LYS A 214 40.74 11.90 5.55
CA LYS A 214 41.98 12.23 6.25
C LYS A 214 42.08 13.73 6.49
N ASP A 215 42.91 14.10 7.48
CA ASP A 215 43.28 15.49 7.74
C ASP A 215 42.08 16.36 8.09
N ASP A 216 41.08 15.78 8.75
CA ASP A 216 39.90 16.51 9.22
C ASP A 216 39.78 16.18 10.71
N PRO A 217 40.63 16.79 11.54
CA PRO A 217 40.64 16.44 12.96
C PRO A 217 39.37 16.82 13.69
N GLN A 218 38.74 17.94 13.32
CA GLN A 218 37.55 18.37 14.05
C GLN A 218 36.42 17.37 13.89
N PHE A 219 36.20 16.88 12.67
CA PHE A 219 35.15 15.87 12.46
C PHE A 219 35.53 14.54 13.11
N LYS A 220 36.78 14.10 13.01
CA LYS A 220 37.18 12.88 13.72
C LYS A 220 36.92 13.02 15.21
N LYS A 221 37.26 14.17 15.79
CA LYS A 221 37.11 14.33 17.23
C LYS A 221 35.64 14.23 17.65
N LEU A 222 34.74 14.86 16.88
CA LEU A 222 33.32 14.75 17.15
C LEU A 222 32.89 13.28 17.16
N MET A 223 33.34 12.52 16.14
CA MET A 223 32.98 11.11 16.09
C MET A 223 33.55 10.34 17.27
N ASP A 224 34.83 10.54 17.58
CA ASP A 224 35.44 9.83 18.70
C ASP A 224 34.79 10.19 20.03
N ASP A 225 34.55 11.48 20.27
CA ASP A 225 33.90 11.86 21.51
C ASP A 225 32.52 11.20 21.64
N THR A 226 31.79 11.12 20.52
CA THR A 226 30.46 10.50 20.55
C THR A 226 30.56 9.01 20.82
N ILE A 227 31.46 8.33 20.10
CA ILE A 227 31.62 6.88 20.27
C ILE A 227 32.05 6.56 21.70
N ALA A 228 33.05 7.28 22.22
CA ALA A 228 33.55 6.98 23.56
C ALA A 228 32.48 7.23 24.62
N GLN A 229 31.66 8.26 24.46
CA GLN A 229 30.59 8.51 25.43
C GLN A 229 29.58 7.36 25.43
N VAL A 230 29.13 6.95 24.25
CA VAL A 230 28.18 5.84 24.15
C VAL A 230 28.77 4.56 24.73
N GLN A 231 30.08 4.37 24.59
CA GLN A 231 30.68 3.11 25.02
C GLN A 231 30.91 3.07 26.53
N THR A 232 31.23 4.21 27.14
CA THR A 232 31.48 4.20 28.58
C THR A 232 30.22 4.44 29.40
N SER A 233 29.14 4.92 28.77
CA SER A 233 27.91 5.18 29.51
C SER A 233 27.06 3.94 29.71
N GLY A 234 27.43 2.82 29.09
CA GLY A 234 26.57 1.66 29.05
C GLY A 234 25.67 1.56 27.83
N GLU A 235 25.54 2.65 27.05
CA GLU A 235 24.63 2.61 25.91
C GLU A 235 25.10 1.60 24.87
N ALA A 236 26.41 1.51 24.60
CA ALA A 236 26.89 0.60 23.56
C ALA A 236 26.56 -0.85 23.91
N GLU A 237 26.68 -1.21 25.18
CA GLU A 237 26.33 -2.56 25.60
C GLU A 237 24.84 -2.81 25.43
N LYS A 238 24.01 -1.79 25.64
CA LYS A 238 22.58 -1.94 25.37
C LYS A 238 22.31 -2.15 23.89
N TRP A 239 23.04 -1.44 23.02
CA TRP A 239 22.92 -1.71 21.58
C TRP A 239 23.43 -3.10 21.25
N PHE A 240 24.53 -3.52 21.87
CA PHE A 240 25.03 -4.87 21.61
C PHE A 240 23.94 -5.90 21.90
N ASP A 241 23.29 -5.79 23.06
CA ASP A 241 22.23 -6.74 23.37
C ASP A 241 21.11 -6.71 22.35
N LYS A 242 20.77 -5.51 21.87
CA LYS A 242 19.68 -5.37 20.92
C LYS A 242 19.97 -6.15 19.62
N TRP A 243 21.20 -6.10 19.13
CA TRP A 243 21.50 -6.70 17.84
C TRP A 243 22.04 -8.11 17.94
N PHE A 244 22.72 -8.47 19.06
CA PHE A 244 23.47 -9.72 19.12
C PHE A 244 22.92 -10.73 20.11
N LYS A 245 22.11 -10.32 21.07
CA LYS A 245 21.60 -11.22 22.10
C LYS A 245 20.09 -11.45 22.02
N ASN A 246 19.35 -10.47 21.57
CA ASN A 246 17.89 -10.52 21.51
C ASN A 246 17.41 -10.68 20.07
N PRO A 247 16.17 -11.14 19.87
CA PRO A 247 15.64 -11.26 18.51
C PRO A 247 15.54 -9.91 17.83
N ILE A 248 16.03 -9.84 16.59
CA ILE A 248 15.86 -8.65 15.75
C ILE A 248 14.56 -8.82 14.98
N LEU A 249 13.64 -7.88 15.15
CA LEU A 249 12.36 -7.89 14.44
C LEU A 249 12.29 -6.77 13.40
N VAL A 250 11.52 -6.98 12.35
CA VAL A 250 11.17 -5.91 11.41
C VAL A 250 9.73 -5.50 11.66
N SER A 251 9.50 -4.22 11.94
CA SER A 251 8.15 -3.73 12.16
C SER A 251 7.33 -3.77 10.87
N HIS A 252 6.05 -4.01 11.03
CA HIS A 252 5.11 -3.87 9.92
C HIS A 252 4.53 -2.46 9.92
N ASN A 253 4.24 -1.95 8.73
CA ASN A 253 3.68 -0.61 8.58
C ASN A 253 2.26 -0.73 8.02
N VAL A 254 1.27 -0.36 8.82
CA VAL A 254 -0.13 -0.40 8.40
C VAL A 254 -0.50 0.97 7.86
N TYR A 255 -0.66 1.11 6.54
CA TYR A 255 -0.82 2.42 5.90
C TYR A 255 -2.31 2.77 5.84
N ILE A 256 -2.67 3.85 6.52
CA ILE A 256 -4.05 4.26 6.76
C ILE A 256 -4.39 5.51 5.98
N THR A 257 -5.57 5.52 5.36
CA THR A 257 -6.11 6.68 4.67
C THR A 257 -7.57 6.83 5.09
N ALA A 258 -8.06 8.07 5.10
CA ALA A 258 -9.45 8.27 5.46
C ALA A 258 -10.38 7.79 4.34
N ASP A 259 -11.58 7.36 4.75
CA ASP A 259 -12.67 7.01 3.84
C ASP A 259 -13.85 7.91 4.19
N LYS A 260 -13.79 9.18 3.75
CA LYS A 260 -14.74 10.17 4.23
C LYS A 260 -16.18 9.83 3.87
N GLN A 261 -16.40 9.18 2.72
CA GLN A 261 -17.75 8.79 2.33
C GLN A 261 -18.42 7.93 3.37
N LYS A 262 -17.70 6.98 3.93
CA LYS A 262 -18.26 6.04 4.90
C LYS A 262 -17.98 6.45 6.33
N ASN A 263 -17.44 7.67 6.51
CA ASN A 263 -17.06 8.22 7.81
C ASN A 263 -16.09 7.29 8.54
N GLY A 264 -15.18 6.66 7.78
CA GLY A 264 -14.27 5.68 8.35
C GLY A 264 -12.91 5.77 7.71
N ILE A 265 -12.21 4.64 7.59
CA ILE A 265 -10.85 4.59 7.06
C ILE A 265 -10.67 3.34 6.21
N LYS A 266 -9.53 3.30 5.50
CA LYS A 266 -9.07 2.15 4.73
C LYS A 266 -7.61 1.95 5.08
N ALA A 267 -7.10 0.74 4.87
CA ALA A 267 -5.68 0.50 5.10
C ALA A 267 -5.17 -0.59 4.16
N ASN A 268 -3.86 -0.59 3.95
CA ASN A 268 -3.18 -1.59 3.12
C ASN A 268 -1.87 -1.89 3.82
N PHE A 269 -1.47 -3.15 3.82
CA PHE A 269 -0.15 -3.52 4.32
C PHE A 269 0.15 -4.94 3.89
N LYS A 270 1.42 -5.31 4.04
CA LYS A 270 1.91 -6.64 3.68
C LYS A 270 2.52 -7.31 4.91
N ILE A 271 2.15 -8.56 5.12
CA ILE A 271 2.72 -9.44 6.13
C ILE A 271 3.55 -10.50 5.41
N ARG A 272 4.69 -10.87 5.97
CA ARG A 272 5.54 -11.90 5.36
C ARG A 272 5.70 -13.03 6.37
N HIS A 273 5.00 -14.14 6.16
CA HIS A 273 5.11 -15.25 7.09
C HIS A 273 6.33 -16.12 6.77
N ASN A 274 7.14 -16.40 7.78
CA ASN A 274 8.26 -17.30 7.58
C ASN A 274 7.74 -18.72 7.29
N VAL A 275 8.23 -19.32 6.18
CA VAL A 275 7.95 -20.71 5.82
C VAL A 275 9.06 -21.61 6.37
N GLU A 276 8.71 -22.85 6.74
CA GLU A 276 9.68 -23.72 7.40
C GLU A 276 10.87 -24.10 6.51
N ASP A 277 10.74 -24.02 5.19
CA ASP A 277 11.86 -24.32 4.31
C ASP A 277 12.77 -23.13 4.10
N GLY A 278 12.52 -22.01 4.78
CA GLY A 278 13.34 -20.83 4.67
C GLY A 278 12.81 -19.75 3.76
N SER A 279 11.80 -20.05 2.94
CA SER A 279 11.16 -19.04 2.10
C SER A 279 10.17 -18.24 2.94
N VAL A 280 9.52 -17.25 2.31
CA VAL A 280 8.49 -16.44 2.97
C VAL A 280 7.20 -16.56 2.17
N GLN A 281 6.10 -16.41 2.90
CA GLN A 281 4.75 -16.50 2.36
C GLN A 281 4.11 -15.13 2.52
N LEU A 282 3.92 -14.43 1.42
CA LEU A 282 3.34 -13.09 1.47
C LEU A 282 1.84 -13.16 1.71
N ALA A 283 1.35 -12.24 2.55
CA ALA A 283 -0.07 -12.10 2.86
C ALA A 283 -0.43 -10.62 2.71
N ASP A 284 -1.05 -10.29 1.58
CA ASP A 284 -1.40 -8.91 1.25
C ASP A 284 -2.71 -8.55 1.93
N HIS A 285 -2.73 -7.45 2.67
CA HIS A 285 -3.90 -7.06 3.45
C HIS A 285 -4.55 -5.81 2.86
N TYR A 286 -5.87 -5.87 2.65
CA TYR A 286 -6.69 -4.73 2.32
C TYR A 286 -7.77 -4.61 3.38
N GLN A 287 -7.99 -3.39 3.89
CA GLN A 287 -8.81 -3.21 5.09
C GLN A 287 -9.76 -2.04 4.92
N GLN A 288 -10.98 -2.18 5.43
CA GLN A 288 -11.95 -1.08 5.45
C GLN A 288 -12.64 -1.03 6.79
N ASN A 289 -12.75 0.16 7.38
CA ASN A 289 -13.41 0.31 8.68
C ASN A 289 -14.49 1.37 8.58
N THR A 290 -15.67 1.09 9.12
CA THR A 290 -16.76 2.05 9.17
CA THR A 290 -16.79 2.03 9.17
C THR A 290 -17.36 2.08 10.57
N PRO A 291 -17.75 3.26 11.06
CA PRO A 291 -18.29 3.34 12.43
C PRO A 291 -19.67 2.72 12.54
N ILE A 292 -19.92 2.07 13.68
CA ILE A 292 -21.25 1.51 13.92
C ILE A 292 -22.23 2.62 14.27
N GLY A 293 -21.79 3.61 15.04
CA GLY A 293 -22.64 4.72 15.38
C GLY A 293 -22.73 5.73 14.26
N ASP A 294 -23.68 6.65 14.42
CA ASP A 294 -23.92 7.72 13.46
C ASP A 294 -23.45 9.07 13.98
N GLY A 295 -22.63 9.08 15.04
CA GLY A 295 -22.09 10.32 15.57
C GLY A 295 -20.70 10.60 15.05
N PRO A 296 -20.16 11.79 15.36
CA PRO A 296 -18.89 12.20 14.75
C PRO A 296 -17.73 11.31 15.15
N VAL A 297 -16.80 11.14 14.22
CA VAL A 297 -15.55 10.41 14.44
C VAL A 297 -14.39 11.34 14.12
N LEU A 298 -13.17 10.88 14.33
CA LEU A 298 -11.99 11.59 13.85
C LEU A 298 -11.60 10.97 12.51
N LEU A 299 -11.60 11.79 11.45
CA LEU A 299 -11.20 11.34 10.12
C LEU A 299 -9.75 11.71 9.91
N PRO A 300 -8.84 10.75 9.77
CA PRO A 300 -7.41 11.08 9.84
C PRO A 300 -6.81 11.49 8.50
N ASP A 301 -5.74 12.26 8.60
CA ASP A 301 -4.83 12.40 7.47
C ASP A 301 -4.08 11.08 7.31
N ASN A 302 -3.50 10.87 6.14
CA ASN A 302 -2.75 9.62 5.95
C ASN A 302 -1.65 9.50 6.99
N HIS A 303 -1.48 8.28 7.49
CA HIS A 303 -0.44 7.96 8.47
C HIS A 303 -0.32 6.44 8.49
N TYR A 304 0.49 5.91 9.39
CA TYR A 304 0.65 4.47 9.49
C TYR A 304 0.82 4.04 10.95
N LEU A 305 0.56 2.75 11.20
CA LEU A 305 0.82 2.14 12.49
C LEU A 305 2.06 1.26 12.37
N SER A 306 3.02 1.44 13.29
CA SER A 306 4.22 0.61 13.33
C SER A 306 4.02 -0.50 14.35
N THR A 307 4.04 -1.76 13.90
CA THR A 307 3.60 -2.90 14.69
CA THR A 307 3.60 -2.90 14.70
C THR A 307 4.70 -3.95 14.87
N GLN A 308 4.77 -4.53 16.07
CA GLN A 308 5.59 -5.70 16.33
C GLN A 308 4.85 -6.65 17.27
N SER A 309 4.92 -7.95 16.99
CA SER A 309 4.25 -8.97 17.77
C SER A 309 5.22 -10.09 18.14
N VAL A 310 5.02 -10.67 19.32
CA VAL A 310 5.78 -11.83 19.78
C VAL A 310 4.78 -12.93 20.13
N LEU A 311 4.98 -14.11 19.54
CA LEU A 311 4.09 -15.25 19.78
C LEU A 311 4.80 -16.28 20.63
N SER A 312 4.12 -16.79 21.64
CA SER A 312 4.73 -17.68 22.60
C SER A 312 3.69 -18.70 23.06
N LYS A 313 4.11 -19.60 23.95
CA LYS A 313 3.23 -20.63 24.45
C LYS A 313 3.06 -20.50 25.97
N ASP A 314 1.85 -20.81 26.44
CA ASP A 314 1.55 -20.93 27.87
C ASP A 314 1.97 -22.31 28.35
N PRO A 315 2.87 -22.41 29.33
CA PRO A 315 3.35 -23.73 29.75
C PRO A 315 2.26 -24.61 30.36
N ASN A 316 1.19 -24.01 30.90
CA ASN A 316 0.07 -24.73 31.52
C ASN A 316 -0.97 -25.23 30.53
N GLU A 317 -0.86 -24.89 29.25
CA GLU A 317 -1.98 -25.04 28.31
C GLU A 317 -1.73 -26.21 27.36
N LYS A 318 -2.58 -27.24 27.44
CA LYS A 318 -2.49 -28.37 26.52
C LYS A 318 -3.37 -28.20 25.28
N ARG A 319 -4.33 -27.28 25.33
CA ARG A 319 -5.12 -26.99 24.14
C ARG A 319 -4.27 -26.24 23.12
N ASP A 320 -4.72 -26.27 21.86
CA ASP A 320 -4.07 -25.52 20.79
C ASP A 320 -4.27 -24.03 21.05
N HIS A 321 -3.18 -23.28 21.20
CA HIS A 321 -3.32 -21.94 21.74
C HIS A 321 -2.18 -21.06 21.23
N MET A 322 -2.33 -19.76 21.46
CA MET A 322 -1.31 -18.77 21.13
C MET A 322 -1.29 -17.66 22.17
N VAL A 323 -0.13 -17.41 22.78
CA VAL A 323 0.05 -16.26 23.66
C VAL A 323 0.67 -15.16 22.81
N LEU A 324 0.13 -13.96 22.91
CA LEU A 324 0.49 -12.86 22.03
C LEU A 324 0.83 -11.62 22.83
N LEU A 325 1.97 -11.01 22.51
CA LEU A 325 2.34 -9.72 23.06
C LEU A 325 2.64 -8.81 21.89
N GLU A 326 1.97 -7.65 21.84
CA GLU A 326 2.00 -6.79 20.66
C GLU A 326 2.15 -5.34 21.06
N PHE A 327 2.98 -4.59 20.30
CA PHE A 327 3.23 -3.17 20.54
C PHE A 327 3.00 -2.41 19.25
N VAL A 328 2.21 -1.33 19.31
CA VAL A 328 1.84 -0.58 18.11
C VAL A 328 1.91 0.92 18.42
N THR A 329 2.60 1.67 17.55
CA THR A 329 2.65 3.13 17.68
C THR A 329 2.34 3.74 16.32
N ALA A 330 1.56 4.80 16.32
CA ALA A 330 1.26 5.51 15.08
C ALA A 330 2.40 6.45 14.70
N ALA A 331 2.53 6.71 13.40
CA ALA A 331 3.61 7.54 12.88
C ALA A 331 3.22 8.02 11.49
N GLY A 332 4.16 8.73 10.84
CA GLY A 332 3.93 9.23 9.49
C GLY A 332 3.45 10.65 9.42
N ILE A 333 3.27 11.31 10.56
CA ILE A 333 2.91 12.72 10.61
C ILE A 333 3.90 13.40 11.55
N THR A 334 4.54 14.47 11.06
CA THR A 334 5.60 15.16 11.80
C THR A 334 5.09 16.46 12.43
N LEU A 335 5.72 16.85 13.53
CA LEU A 335 5.50 18.16 14.13
C LEU A 335 6.82 18.94 14.17
N SER A 348 -8.01 16.03 25.34
CA SER A 348 -8.35 14.86 24.51
C SER A 348 -9.14 15.32 23.29
N MET A 349 -9.00 14.59 22.18
CA MET A 349 -9.59 14.99 20.90
C MET A 349 -10.86 14.25 20.55
N SER A 350 -11.22 13.21 21.31
CA SER A 350 -12.51 12.56 21.17
C SER A 350 -12.95 12.04 22.53
N LYS A 351 -14.27 11.93 22.70
CA LYS A 351 -14.79 11.33 23.92
C LYS A 351 -14.33 9.90 24.08
N GLY A 352 -14.29 9.14 22.97
CA GLY A 352 -13.95 7.73 23.05
C GLY A 352 -12.51 7.49 23.45
N GLU A 353 -11.62 8.44 23.14
CA GLU A 353 -10.24 8.36 23.59
C GLU A 353 -10.15 8.17 25.10
N GLU A 354 -11.07 8.80 25.85
CA GLU A 354 -11.01 8.73 27.30
C GLU A 354 -11.30 7.33 27.83
N LEU A 355 -11.91 6.47 27.02
CA LEU A 355 -12.18 5.10 27.45
C LEU A 355 -10.92 4.24 27.49
N PHE A 356 -9.78 4.75 27.00
CA PHE A 356 -8.56 3.95 26.88
C PHE A 356 -7.40 4.47 27.73
N THR A 357 -7.66 5.38 28.68
CA THR A 357 -6.56 5.93 29.47
C THR A 357 -5.96 4.90 30.44
N GLY A 358 -6.70 3.84 30.78
CA GLY A 358 -6.22 2.80 31.67
C GLY A 358 -6.03 1.47 30.97
N VAL A 359 -6.02 0.40 31.76
CA VAL A 359 -5.97 -0.96 31.23
C VAL A 359 -7.40 -1.42 31.00
N VAL A 360 -7.67 -1.93 29.80
CA VAL A 360 -9.00 -2.30 29.36
C VAL A 360 -9.02 -3.80 29.11
N PRO A 361 -9.97 -4.55 29.66
CA PRO A 361 -10.05 -5.98 29.34
C PRO A 361 -10.56 -6.19 27.92
N ILE A 362 -10.06 -7.24 27.29
CA ILE A 362 -10.36 -7.56 25.91
C ILE A 362 -10.91 -8.97 25.81
N LEU A 363 -11.94 -9.14 24.98
CA LEU A 363 -12.45 -10.44 24.59
C LEU A 363 -12.42 -10.52 23.07
N VAL A 364 -11.93 -11.64 22.54
CA VAL A 364 -11.92 -11.89 21.10
C VAL A 364 -12.63 -13.21 20.82
N GLU A 365 -13.61 -13.17 19.90
CA GLU A 365 -14.31 -14.37 19.44
C GLU A 365 -14.26 -14.44 17.92
N LEU A 366 -13.75 -15.54 17.40
CA LEU A 366 -13.63 -15.75 15.96
C LEU A 366 -14.30 -17.06 15.58
N ASP A 367 -15.15 -16.99 14.55
CA ASP A 367 -15.83 -18.12 13.93
CA ASP A 367 -15.79 -18.14 13.94
C ASP A 367 -15.24 -18.26 12.52
N GLY A 368 -14.53 -19.35 12.25
CA GLY A 368 -13.82 -19.51 11.00
C GLY A 368 -14.28 -20.69 10.16
N ASP A 369 -14.11 -20.53 8.84
CA ASP A 369 -14.38 -21.59 7.86
C ASP A 369 -13.37 -21.40 6.72
N VAL A 370 -12.40 -22.32 6.60
CA VAL A 370 -11.38 -22.24 5.56
C VAL A 370 -11.46 -23.54 4.75
N ASN A 371 -11.84 -23.41 3.47
CA ASN A 371 -12.01 -24.59 2.60
C ASN A 371 -12.96 -25.60 3.23
N GLY A 372 -13.97 -25.11 3.95
CA GLY A 372 -14.93 -25.97 4.61
C GLY A 372 -14.51 -26.48 5.98
N HIS A 373 -13.26 -26.22 6.40
CA HIS A 373 -12.80 -26.63 7.71
C HIS A 373 -13.23 -25.57 8.72
N LYS A 374 -14.08 -25.96 9.66
CA LYS A 374 -14.69 -25.02 10.59
C LYS A 374 -13.97 -25.05 11.93
N PHE A 375 -13.84 -23.87 12.55
CA PHE A 375 -13.12 -23.76 13.81
C PHE A 375 -13.55 -22.48 14.51
N SER A 376 -13.31 -22.46 15.82
CA SER A 376 -13.61 -21.32 16.68
C SER A 376 -12.37 -21.00 17.49
N VAL A 377 -12.16 -19.71 17.72
CA VAL A 377 -11.08 -19.23 18.58
C VAL A 377 -11.68 -18.27 19.59
N ARG A 378 -11.20 -18.34 20.83
CA ARG A 378 -11.57 -17.39 21.87
C ARG A 378 -10.31 -16.84 22.49
N GLY A 379 -10.24 -15.51 22.61
CA GLY A 379 -9.10 -14.86 23.23
C GLY A 379 -9.52 -13.94 24.35
N GLU A 380 -8.65 -13.84 25.35
CA GLU A 380 -8.86 -12.88 26.43
C GLU A 380 -7.52 -12.30 26.87
N GLY A 381 -7.60 -11.09 27.39
CA GLY A 381 -6.41 -10.40 27.87
C GLY A 381 -6.73 -8.97 28.18
N GLU A 382 -5.75 -8.09 27.94
CA GLU A 382 -5.97 -6.68 28.21
C GLU A 382 -5.14 -5.82 27.27
N GLY A 383 -5.60 -4.60 27.07
CA GLY A 383 -4.90 -3.63 26.25
C GLY A 383 -4.56 -2.39 27.06
N ASP A 384 -3.39 -1.82 26.78
CA ASP A 384 -2.91 -0.62 27.46
C ASP A 384 -2.49 0.38 26.39
N ALA A 385 -3.47 1.15 25.89
CA ALA A 385 -3.26 2.04 24.74
C ALA A 385 -2.27 3.15 25.06
N THR A 386 -2.13 3.50 26.34
CA THR A 386 -1.14 4.48 26.74
C THR A 386 0.26 4.07 26.28
N ASN A 387 0.55 2.78 26.33
CA ASN A 387 1.84 2.26 25.90
C ASN A 387 1.74 1.46 24.60
N GLY A 388 0.59 1.49 23.95
CA GLY A 388 0.39 0.75 22.70
C GLY A 388 0.52 -0.75 22.83
N LYS A 389 0.17 -1.31 23.98
CA LYS A 389 0.51 -2.70 24.31
C LYS A 389 -0.74 -3.57 24.45
N LEU A 390 -0.65 -4.78 23.91
CA LEU A 390 -1.68 -5.81 24.00
C LEU A 390 -1.06 -7.07 24.60
N THR A 391 -1.78 -7.68 25.54
CA THR A 391 -1.41 -8.97 26.11
CA THR A 391 -1.39 -8.98 26.07
C THR A 391 -2.63 -9.87 26.03
N LEU A 392 -2.58 -10.90 25.19
CA LEU A 392 -3.73 -11.79 25.00
C LEU A 392 -3.30 -13.25 24.91
N LYS A 393 -4.24 -14.12 25.26
CA LYS A 393 -4.09 -15.56 25.06
C LYS A 393 -5.30 -16.06 24.30
N PHE A 394 -5.04 -16.83 23.23
CA PHE A 394 -6.07 -17.34 22.34
C PHE A 394 -6.11 -18.85 22.41
N ILE A 395 -7.32 -19.40 22.39
CA ILE A 395 -7.54 -20.83 22.52
C ILE A 395 -8.42 -21.24 21.34
N CYS A 396 -8.07 -22.35 20.68
CA CYS A 396 -8.95 -22.93 19.66
C CYS A 396 -9.94 -23.83 20.38
N THR A 397 -11.19 -23.40 20.48
CA THR A 397 -12.15 -24.11 21.33
C THR A 397 -12.76 -25.32 20.64
N THR A 398 -12.45 -25.55 19.38
CA THR A 398 -13.00 -26.69 18.65
C THR A 398 -11.99 -27.82 18.46
N GLY A 399 -10.78 -27.67 18.96
CA GLY A 399 -9.78 -28.73 18.83
C GLY A 399 -8.50 -28.26 18.16
N LYS A 400 -8.10 -28.95 17.09
CA LYS A 400 -6.92 -28.53 16.34
C LYS A 400 -7.28 -27.35 15.44
N LEU A 401 -6.43 -26.33 15.42
CA LEU A 401 -6.63 -25.23 14.48
C LEU A 401 -6.21 -25.67 13.09
N PRO A 402 -7.07 -25.53 12.08
CA PRO A 402 -6.74 -26.06 10.74
C PRO A 402 -5.90 -25.12 9.91
N VAL A 403 -5.53 -23.96 10.44
CA VAL A 403 -4.59 -23.04 9.80
C VAL A 403 -3.53 -22.68 10.82
N PRO A 404 -2.37 -22.20 10.38
CA PRO A 404 -1.35 -21.78 11.33
C PRO A 404 -1.78 -20.54 12.11
N TRP A 405 -1.47 -20.53 13.41
CA TRP A 405 -1.75 -19.37 14.25
C TRP A 405 -1.24 -18.06 13.66
N PRO A 406 -0.01 -17.96 13.13
CA PRO A 406 0.42 -16.66 12.59
C PRO A 406 -0.50 -16.10 11.52
N THR A 407 -1.20 -16.94 10.74
CA THR A 407 -2.06 -16.36 9.71
C THR A 407 -3.31 -15.70 10.26
N LEU A 408 -3.60 -15.85 11.56
CA LEU A 408 -4.77 -15.25 12.16
C LEU A 408 -4.47 -14.03 13.02
N VAL A 409 -3.19 -13.70 13.21
CA VAL A 409 -2.84 -12.63 14.15
C VAL A 409 -3.52 -11.31 13.78
N THR A 410 -3.43 -10.89 12.51
CA THR A 410 -3.96 -9.58 12.14
C THR A 410 -5.47 -9.53 12.29
N THR A 411 -6.14 -10.67 12.13
CA THR A 411 -7.60 -10.69 12.25
C THR A 411 -8.03 -10.63 13.71
N LEU A 412 -7.34 -11.38 14.57
CA LEU A 412 -7.62 -11.41 16.01
C LEU A 412 -7.28 -10.08 16.66
N1 CRO A 413 -6.05 -9.50 16.22
CA1 CRO A 413 -5.70 -8.16 16.81
CB1 CRO A 413 -4.49 -8.28 17.74
CG1 CRO A 413 -4.72 -9.26 18.88
OG1 CRO A 413 -3.35 -8.73 17.00
C1 CRO A 413 -5.46 -7.23 15.64
N2 CRO A 413 -4.27 -6.99 15.12
N3 CRO A 413 -6.49 -6.61 14.99
C2 CRO A 413 -5.96 -5.89 13.93
O2 CRO A 413 -6.60 -5.21 13.14
CA2 CRO A 413 -4.51 -6.17 14.03
CA3 CRO A 413 -7.94 -6.75 15.18
C3 CRO A 413 -8.53 -5.69 16.10
O3 CRO A 413 -9.74 -5.36 15.99
CB2 CRO A 413 -3.64 -5.76 13.07
CG2 CRO A 413 -2.20 -5.98 12.94
CD1 CRO A 413 -1.50 -6.81 13.80
CD2 CRO A 413 -1.49 -5.43 11.86
CE1 CRO A 413 -0.16 -7.11 13.61
CE2 CRO A 413 -0.15 -5.71 11.66
CZ CRO A 413 0.52 -6.55 12.54
OH CRO A 413 1.85 -6.82 12.34
N VAL A 414 -7.64 -5.12 17.06
CA VAL A 414 -8.19 -4.14 17.96
C VAL A 414 -7.29 -2.92 17.94
N GLN A 415 -7.24 -2.27 16.78
CA GLN A 415 -6.30 -1.19 16.54
C GLN A 415 -6.61 0.05 17.38
N CYS A 416 -7.73 0.04 18.12
CA CYS A 416 -8.00 1.07 19.11
C CYS A 416 -6.97 1.08 20.24
N PHE A 417 -6.14 0.05 20.38
CA PHE A 417 -5.13 0.02 21.43
C PHE A 417 -3.78 0.50 20.94
N SER A 418 -3.71 1.01 19.70
CA SER A 418 -2.50 1.66 19.21
C SER A 418 -2.17 2.89 20.05
N ARG A 419 -0.89 3.16 20.22
CA ARG A 419 -0.48 4.40 20.86
C ARG A 419 -0.38 5.49 19.80
N TYR A 420 -1.22 6.50 19.91
CA TYR A 420 -1.11 7.68 19.06
C TYR A 420 -0.35 8.76 19.83
N PRO A 421 0.79 9.24 19.31
CA PRO A 421 1.51 10.31 20.00
C PRO A 421 0.65 11.56 20.14
N ASP A 422 1.01 12.41 21.12
CA ASP A 422 0.19 13.58 21.44
C ASP A 422 -0.13 14.41 20.22
N HIS A 423 0.84 14.61 19.33
CA HIS A 423 0.65 15.49 18.19
C HIS A 423 -0.20 14.84 17.10
N MET A 424 -0.59 13.59 17.29
CA MET A 424 -1.33 12.82 16.31
C MET A 424 -2.71 12.40 16.82
N LYS A 425 -3.10 12.86 18.02
CA LYS A 425 -4.32 12.30 18.62
C LYS A 425 -5.58 12.70 17.87
N GLN A 426 -5.55 13.78 17.09
CA GLN A 426 -6.70 14.11 16.26
C GLN A 426 -6.90 13.14 15.09
N HIS A 427 -5.98 12.20 14.89
CA HIS A 427 -6.04 11.28 13.75
C HIS A 427 -6.43 9.87 14.17
N ASP A 428 -6.89 9.68 15.42
CA ASP A 428 -7.18 8.34 15.95
C ASP A 428 -8.66 8.03 15.72
N PHE A 429 -8.97 7.50 14.53
CA PHE A 429 -10.33 7.09 14.24
C PHE A 429 -10.78 5.99 15.17
N PHE A 430 -9.90 5.02 15.44
CA PHE A 430 -10.28 3.79 16.12
C PHE A 430 -10.92 4.08 17.48
N LYS A 431 -10.26 4.90 18.31
CA LYS A 431 -10.82 5.23 19.62
C LYS A 431 -12.03 6.14 19.50
N SER A 432 -12.04 7.04 18.50
CA SER A 432 -13.12 8.00 18.38
C SER A 432 -14.46 7.32 18.12
N ALA A 433 -14.44 6.13 17.51
CA ALA A 433 -15.68 5.43 17.18
C ALA A 433 -16.30 4.76 18.39
N MET A 434 -15.59 4.70 19.50
CA MET A 434 -16.02 4.04 20.71
C MET A 434 -16.93 4.97 21.51
N PRO A 435 -17.81 4.42 22.37
CA PRO A 435 -18.01 2.99 22.65
C PRO A 435 -18.85 2.22 21.63
N GLU A 436 -19.56 2.89 20.72
CA GLU A 436 -20.41 2.20 19.76
CA GLU A 436 -20.41 2.16 19.79
C GLU A 436 -19.60 1.23 18.89
N GLY A 437 -18.36 1.61 18.58
CA GLY A 437 -17.46 0.74 17.85
C GLY A 437 -17.47 0.90 16.33
N TYR A 438 -16.83 -0.06 15.68
CA TYR A 438 -16.72 -0.03 14.22
C TYR A 438 -16.77 -1.44 13.65
N VAL A 439 -17.12 -1.50 12.37
CA VAL A 439 -17.00 -2.72 11.57
C VAL A 439 -15.66 -2.68 10.87
N GLN A 440 -14.91 -3.79 10.93
CA GLN A 440 -13.62 -3.90 10.27
C GLN A 440 -13.69 -5.09 9.30
N GLU A 441 -13.47 -4.80 8.02
CA GLU A 441 -13.50 -5.82 6.97
C GLU A 441 -12.14 -5.92 6.32
N ARG A 442 -11.69 -7.14 6.04
CA ARG A 442 -10.43 -7.33 5.32
C ARG A 442 -10.59 -8.38 4.24
N THR A 443 -9.80 -8.23 3.19
CA THR A 443 -9.41 -9.32 2.28
C THR A 443 -7.91 -9.54 2.46
N ILE A 444 -7.52 -10.76 2.78
CA ILE A 444 -6.13 -11.14 2.96
C ILE A 444 -5.76 -12.14 1.88
N SER A 445 -4.84 -11.77 1.00
CA SER A 445 -4.52 -12.56 -0.17
C SER A 445 -3.15 -13.21 0.06
N PHE A 446 -3.12 -14.54 0.14
CA PHE A 446 -1.88 -15.27 0.32
C PHE A 446 -1.30 -15.59 -1.05
N LYS A 447 -0.06 -15.16 -1.30
CA LYS A 447 0.56 -15.29 -2.61
C LYS A 447 0.62 -16.76 -3.02
N ASP A 448 0.19 -17.05 -4.25
CA ASP A 448 0.14 -18.39 -4.80
C ASP A 448 -0.74 -19.33 -3.98
N ASP A 449 -1.70 -18.78 -3.24
CA ASP A 449 -2.59 -19.61 -2.43
C ASP A 449 -3.94 -18.90 -2.31
N GLY A 450 -4.69 -19.27 -1.29
CA GLY A 450 -6.06 -18.82 -1.11
C GLY A 450 -6.16 -17.44 -0.48
N THR A 451 -7.39 -17.10 -0.08
CA THR A 451 -7.74 -15.78 0.44
CA THR A 451 -7.70 -15.78 0.46
C THR A 451 -8.59 -15.93 1.70
N TYR A 452 -8.40 -15.02 2.67
CA TYR A 452 -9.32 -14.86 3.79
C TYR A 452 -10.16 -13.62 3.55
N LYS A 453 -11.48 -13.74 3.79
CA LYS A 453 -12.37 -12.59 3.90
C LYS A 453 -12.88 -12.53 5.34
N THR A 454 -12.72 -11.38 5.98
CA THR A 454 -13.11 -11.23 7.38
C THR A 454 -14.05 -10.06 7.55
N ARG A 455 -15.01 -10.24 8.46
CA ARG A 455 -15.88 -9.16 8.93
C ARG A 455 -15.94 -9.22 10.45
N ALA A 456 -15.64 -8.10 11.10
CA ALA A 456 -15.61 -8.05 12.55
C ALA A 456 -16.33 -6.80 13.04
N GLU A 457 -16.91 -6.92 14.22
CA GLU A 457 -17.40 -5.78 14.98
C GLU A 457 -16.51 -5.62 16.22
N VAL A 458 -15.95 -4.43 16.39
CA VAL A 458 -15.13 -4.09 17.55
C VAL A 458 -15.89 -3.01 18.32
N LYS A 459 -16.30 -3.32 19.55
CA LYS A 459 -17.10 -2.38 20.32
C LYS A 459 -17.01 -2.72 21.79
N PHE A 460 -17.42 -1.78 22.63
CA PHE A 460 -17.49 -2.04 24.06
C PHE A 460 -18.78 -2.80 24.37
N GLU A 461 -18.63 -3.90 25.11
CA GLU A 461 -19.75 -4.64 25.70
C GLU A 461 -19.50 -4.57 27.21
N GLY A 462 -20.20 -3.67 27.89
CA GLY A 462 -19.83 -3.39 29.26
C GLY A 462 -18.48 -2.70 29.32
N ASP A 463 -17.66 -3.11 30.28
CA ASP A 463 -16.32 -2.55 30.40
C ASP A 463 -15.30 -3.23 29.48
N THR A 464 -15.71 -4.25 28.74
CA THR A 464 -14.78 -5.05 27.94
C THR A 464 -14.83 -4.61 26.49
N LEU A 465 -13.65 -4.45 25.89
CA LEU A 465 -13.54 -4.21 24.46
C LEU A 465 -13.57 -5.55 23.75
N VAL A 466 -14.56 -5.75 22.89
CA VAL A 466 -14.84 -7.05 22.29
C VAL A 466 -14.61 -6.98 20.79
N ASN A 467 -13.88 -7.98 20.26
CA ASN A 467 -13.65 -8.15 18.81
C ASN A 467 -14.30 -9.46 18.39
N ARG A 468 -15.41 -9.37 17.65
CA ARG A 468 -16.19 -10.52 17.21
C ARG A 468 -16.09 -10.64 15.69
N ILE A 469 -15.49 -11.74 15.23
CA ILE A 469 -15.06 -11.91 13.85
C ILE A 469 -15.73 -13.14 13.23
N GLU A 470 -16.13 -13.01 11.97
CA GLU A 470 -16.39 -14.13 11.09
C GLU A 470 -15.36 -14.15 9.97
N LEU A 471 -14.72 -15.31 9.77
CA LEU A 471 -13.69 -15.47 8.76
C LEU A 471 -14.09 -16.56 7.78
N LYS A 472 -13.98 -16.26 6.49
CA LYS A 472 -14.25 -17.22 5.43
C LYS A 472 -13.02 -17.28 4.54
N GLY A 473 -12.40 -18.46 4.46
CA GLY A 473 -11.25 -18.68 3.60
C GLY A 473 -11.60 -19.64 2.48
N ILE A 474 -11.16 -19.32 1.26
CA ILE A 474 -11.47 -20.14 0.09
C ILE A 474 -10.24 -20.24 -0.82
N ASP A 475 -10.29 -21.23 -1.72
CA ASP A 475 -9.29 -21.44 -2.77
C ASP A 475 -7.90 -21.77 -2.23
N PHE A 476 -7.82 -22.34 -1.04
CA PHE A 476 -6.52 -22.75 -0.51
C PHE A 476 -6.12 -24.13 -1.02
N LYS A 477 -4.82 -24.31 -1.24
CA LYS A 477 -4.30 -25.60 -1.63
C LYS A 477 -4.15 -26.47 -0.39
N GLU A 478 -4.67 -27.70 -0.46
CA GLU A 478 -4.63 -28.57 0.72
C GLU A 478 -3.20 -28.96 1.07
N ASP A 479 -2.26 -28.76 0.14
CA ASP A 479 -0.84 -29.05 0.28
C ASP A 479 0.00 -27.80 0.50
N GLY A 480 -0.61 -26.61 0.53
CA GLY A 480 0.14 -25.38 0.57
C GLY A 480 0.60 -25.03 1.97
N ASN A 481 1.16 -23.82 2.11
CA ASN A 481 1.78 -23.42 3.37
C ASN A 481 0.77 -23.25 4.50
N ILE A 482 -0.50 -23.00 4.18
CA ILE A 482 -1.50 -22.71 5.20
C ILE A 482 -2.18 -23.99 5.64
N LEU A 483 -2.92 -24.63 4.73
CA LEU A 483 -3.59 -25.87 5.10
C LEU A 483 -2.59 -26.98 5.39
N GLY A 484 -1.38 -26.88 4.84
CA GLY A 484 -0.35 -27.85 5.13
C GLY A 484 0.47 -27.58 6.38
N HIS A 485 0.23 -26.48 7.08
CA HIS A 485 0.91 -26.19 8.34
C HIS A 485 2.42 -26.16 8.15
N LYS A 486 2.86 -25.28 7.25
CA LYS A 486 4.27 -25.14 6.90
C LYS A 486 4.85 -23.79 7.33
N LEU A 487 4.14 -23.04 8.16
CA LEU A 487 4.59 -21.72 8.60
C LEU A 487 5.22 -21.78 9.99
N GLU A 488 6.34 -21.05 10.15
CA GLU A 488 7.01 -20.98 11.44
C GLU A 488 6.13 -20.25 12.44
N TYR A 489 6.23 -20.66 13.71
CA TYR A 489 5.45 -20.02 14.77
C TYR A 489 6.18 -18.76 15.24
N ASN A 490 6.01 -17.68 14.48
CA ASN A 490 6.63 -16.41 14.84
C ASN A 490 6.00 -15.28 14.01
N PHE A 491 6.52 -14.07 14.20
CA PHE A 491 5.98 -12.88 13.57
C PHE A 491 7.11 -11.88 13.42
N ASN A 492 7.03 -11.06 12.36
CA ASN A 492 7.97 -9.96 12.12
C ASN A 492 9.37 -10.45 11.77
N ASN A 493 9.47 -11.68 11.23
CA ASN A 493 10.68 -12.17 10.58
C ASN A 493 11.92 -12.10 11.47
N PRO A 494 11.88 -12.73 12.64
CA PRO A 494 12.96 -12.56 13.61
C PRO A 494 14.28 -13.12 13.11
N LEU A 495 15.36 -12.45 13.47
CA LEU A 495 16.70 -12.97 13.32
C LEU A 495 17.35 -13.07 14.70
N ASN A 496 18.08 -14.16 14.92
CA ASN A 496 18.69 -14.43 16.22
C ASN A 496 20.18 -14.69 16.03
N MET A 497 21.01 -13.75 16.46
CA MET A 497 22.46 -13.91 16.33
C MET A 497 23.04 -14.87 17.36
N ASN A 498 22.55 -14.80 18.59
CA ASN A 498 23.08 -15.58 19.72
C ASN A 498 24.60 -15.45 19.80
N PHE A 499 25.07 -14.21 19.74
CA PHE A 499 26.49 -13.93 19.59
C PHE A 499 27.01 -13.28 20.87
N GLU A 500 27.91 -13.96 21.56
CA GLU A 500 28.31 -13.53 22.90
C GLU A 500 29.24 -12.32 22.87
N LEU A 501 29.11 -11.45 23.88
CA LEU A 501 30.02 -10.32 24.06
C LEU A 501 31.39 -10.83 24.52
N SER A 502 32.43 -10.58 23.72
CA SER A 502 33.75 -11.13 23.97
C SER A 502 34.51 -10.32 25.02
N ASP A 503 35.57 -10.94 25.56
CA ASP A 503 36.48 -10.22 26.44
C ASP A 503 37.02 -8.96 25.76
N GLU A 504 37.37 -9.06 24.47
CA GLU A 504 37.97 -7.93 23.75
C GLU A 504 36.98 -6.77 23.66
N MET A 505 35.69 -7.08 23.44
CA MET A 505 34.67 -6.04 23.40
C MET A 505 34.46 -5.39 24.76
N LYS A 506 34.48 -6.18 25.84
CA LYS A 506 34.38 -5.57 27.16
C LYS A 506 35.53 -4.61 27.41
N ALA A 507 36.74 -5.01 27.02
CA ALA A 507 37.92 -4.16 27.23
C ALA A 507 37.84 -2.89 26.38
N LEU A 508 37.35 -3.02 25.15
CA LEU A 508 37.12 -1.87 24.27
C LEU A 508 36.19 -0.85 24.92
N PHE A 509 35.01 -1.29 25.37
CA PHE A 509 34.04 -0.36 25.93
C PHE A 509 34.58 0.32 27.18
N LYS A 510 35.47 -0.36 27.91
CA LYS A 510 36.07 0.20 29.12
C LYS A 510 37.06 1.31 28.79
N GLU A 511 37.83 1.13 27.72
CA GLU A 511 38.81 2.12 27.29
CA GLU A 511 38.81 2.12 27.29
C GLU A 511 38.70 2.30 25.78
N PRO A 512 37.76 3.12 25.33
CA PRO A 512 37.64 3.44 23.89
C PRO A 512 38.96 3.91 23.30
N ASN A 513 39.19 3.55 22.04
CA ASN A 513 40.43 3.87 21.35
C ASN A 513 40.22 3.68 19.86
N ASP A 514 41.18 4.21 19.07
CA ASP A 514 41.08 4.21 17.62
C ASP A 514 42.25 3.45 16.96
N LYS A 515 42.83 2.48 17.67
CA LYS A 515 44.06 1.82 17.19
C LYS A 515 43.75 0.69 16.22
N ALA A 516 44.44 0.71 15.08
CA ALA A 516 44.45 -0.47 14.21
C ALA A 516 45.12 -1.62 14.94
N LEU A 517 44.65 -2.84 14.69
CA LEU A 517 45.18 -4.01 15.40
C LEU A 517 46.37 -4.63 14.66
N GLY B 4 -41.20 19.21 13.20
CA GLY B 4 -39.78 18.92 13.27
C GLY B 4 -39.15 18.61 11.92
N SER B 5 -37.82 18.59 11.88
CA SER B 5 -37.10 18.46 10.62
C SER B 5 -35.82 17.66 10.84
N THR B 6 -35.45 16.87 9.84
CA THR B 6 -34.23 16.08 9.94
C THR B 6 -33.00 16.95 10.01
N LEU B 7 -33.05 18.16 9.42
CA LEU B 7 -31.92 19.07 9.49
C LEU B 7 -31.55 19.44 10.92
N ASP B 8 -32.48 19.29 11.86
CA ASP B 8 -32.16 19.51 13.27
C ASP B 8 -31.43 18.31 13.85
N LYS B 9 -31.87 17.09 13.53
CA LYS B 9 -31.12 15.90 13.88
C LYS B 9 -29.69 15.98 13.36
N ILE B 10 -29.53 16.43 12.11
CA ILE B 10 -28.22 16.47 11.49
C ILE B 10 -27.34 17.54 12.12
N ALA B 11 -27.89 18.72 12.39
CA ALA B 11 -27.07 19.78 12.98
C ALA B 11 -26.58 19.40 14.37
N LYS B 12 -27.44 18.74 15.16
CA LYS B 12 -27.06 18.36 16.51
C LYS B 12 -26.06 17.21 16.50
N ASN B 13 -26.27 16.24 15.61
CA ASN B 13 -25.41 15.05 15.55
C ASN B 13 -24.06 15.34 14.91
N GLY B 14 -23.99 16.28 13.95
CA GLY B 14 -22.76 16.53 13.23
C GLY B 14 -22.47 15.58 12.09
N VAL B 15 -23.42 14.70 11.77
CA VAL B 15 -23.29 13.68 10.72
C VAL B 15 -24.61 13.60 9.97
N ILE B 16 -24.54 13.45 8.66
CA ILE B 16 -25.72 13.13 7.86
C ILE B 16 -25.54 11.72 7.31
N VAL B 17 -26.58 10.91 7.44
CA VAL B 17 -26.51 9.50 7.07
C VAL B 17 -27.26 9.32 5.76
N VAL B 18 -26.58 8.80 4.75
CA VAL B 18 -27.08 8.87 3.39
C VAL B 18 -27.10 7.46 2.81
N GLY B 19 -28.26 7.05 2.29
CA GLY B 19 -28.35 5.78 1.60
C GLY B 19 -27.83 5.87 0.18
N HIS B 20 -27.28 4.75 -0.30
CA HIS B 20 -26.85 4.60 -1.68
C HIS B 20 -27.12 3.17 -2.12
N ARG B 21 -27.15 2.97 -3.44
CA ARG B 21 -27.33 1.66 -4.03
C ARG B 21 -25.98 1.01 -4.31
N GLU B 22 -26.04 -0.29 -4.58
CA GLU B 22 -24.84 -1.08 -4.79
C GLU B 22 -24.58 -1.43 -6.24
N SER B 23 -25.60 -1.39 -7.11
CA SER B 23 -25.43 -1.85 -8.49
C SER B 23 -26.40 -1.14 -9.42
N SER B 24 -26.63 0.16 -9.21
CA SER B 24 -27.46 0.93 -10.15
C SER B 24 -26.52 1.76 -11.01
N VAL B 25 -26.12 1.20 -12.14
CA VAL B 25 -25.03 1.73 -12.96
C VAL B 25 -25.63 2.57 -14.08
N PRO B 26 -25.13 3.79 -14.32
CA PRO B 26 -24.05 4.48 -13.60
C PRO B 26 -24.53 5.59 -12.67
N PHE B 27 -25.48 5.27 -11.79
CA PHE B 27 -26.09 6.25 -10.89
C PHE B 27 -25.55 6.17 -9.48
N SER B 28 -25.46 4.96 -8.95
CA SER B 28 -25.10 4.77 -7.55
C SER B 28 -24.60 3.33 -7.45
N TYR B 29 -23.27 3.17 -7.39
CA TYR B 29 -22.70 1.84 -7.46
C TYR B 29 -21.28 1.90 -6.89
N TYR B 30 -20.71 0.73 -6.63
CA TYR B 30 -19.33 0.62 -6.14
C TYR B 30 -18.37 0.57 -7.32
N ASP B 31 -17.37 1.46 -7.33
CA ASP B 31 -16.30 1.32 -8.31
C ASP B 31 -15.38 0.19 -7.85
N ASN B 32 -14.37 -0.13 -8.65
CA ASN B 32 -13.56 -1.30 -8.31
C ASN B 32 -12.70 -1.09 -7.08
N GLN B 33 -12.66 0.12 -6.52
CA GLN B 33 -12.03 0.43 -5.25
C GLN B 33 -13.05 0.55 -4.12
N GLN B 34 -14.29 0.12 -4.35
CA GLN B 34 -15.40 0.13 -3.40
CA GLN B 34 -15.40 0.14 -3.40
C GLN B 34 -15.87 1.54 -3.04
N LYS B 35 -15.48 2.56 -3.81
CA LYS B 35 -15.97 3.92 -3.63
C LYS B 35 -17.38 4.03 -4.21
N VAL B 36 -18.25 4.76 -3.51
CA VAL B 36 -19.61 4.96 -4.03
C VAL B 36 -19.63 6.12 -5.00
N VAL B 37 -20.01 5.85 -6.26
CA VAL B 37 -19.91 6.82 -7.33
C VAL B 37 -21.16 6.75 -8.20
N GLY B 38 -21.30 7.76 -9.04
CA GLY B 38 -22.36 7.75 -10.05
C GLY B 38 -23.05 9.08 -10.21
N TYR B 39 -23.93 9.13 -11.20
CA TYR B 39 -24.64 10.36 -11.55
C TYR B 39 -25.50 10.82 -10.40
N SER B 40 -26.21 9.88 -9.74
CA SER B 40 -26.99 10.26 -8.56
C SER B 40 -26.11 10.59 -7.38
N GLN B 41 -24.99 9.88 -7.21
CA GLN B 41 -24.07 10.20 -6.13
C GLN B 41 -23.49 11.60 -6.29
N ASP B 42 -23.35 12.10 -7.53
CA ASP B 42 -22.94 13.48 -7.72
C ASP B 42 -23.97 14.46 -7.15
N TYR B 43 -25.27 14.20 -7.37
CA TYR B 43 -26.31 15.01 -6.73
C TYR B 43 -26.28 14.88 -5.21
N SER B 44 -26.09 13.66 -4.71
CA SER B 44 -26.03 13.45 -3.26
C SER B 44 -24.89 14.25 -2.65
N ASN B 45 -23.74 14.31 -3.34
CA ASN B 45 -22.62 15.11 -2.84
C ASN B 45 -22.97 16.60 -2.83
N ALA B 46 -23.66 17.06 -3.87
CA ALA B 46 -24.10 18.46 -3.93
C ALA B 46 -25.10 18.77 -2.82
N ILE B 47 -26.04 17.85 -2.57
CA ILE B 47 -27.02 18.09 -1.51
C ILE B 47 -26.32 18.19 -0.16
N VAL B 48 -25.33 17.32 0.09
CA VAL B 48 -24.60 17.37 1.35
C VAL B 48 -23.89 18.71 1.50
N GLU B 49 -23.22 19.16 0.44
CA GLU B 49 -22.56 20.47 0.51
C GLU B 49 -23.58 21.57 0.80
N ALA B 50 -24.78 21.45 0.23
CA ALA B 50 -25.83 22.43 0.50
C ALA B 50 -26.26 22.38 1.96
N VAL B 51 -26.30 21.17 2.55
CA VAL B 51 -26.62 21.05 3.98
C VAL B 51 -25.57 21.75 4.83
N LYS B 52 -24.28 21.56 4.51
CA LYS B 52 -23.23 22.21 5.29
C LYS B 52 -23.38 23.73 5.22
N LYS B 53 -23.75 24.27 4.06
CA LYS B 53 -23.96 25.71 3.94
C LYS B 53 -25.16 26.16 4.78
N LYS B 54 -26.30 25.49 4.60
CA LYS B 54 -27.53 25.89 5.28
C LYS B 54 -27.37 25.88 6.79
N LEU B 55 -26.72 24.86 7.33
CA LEU B 55 -26.57 24.74 8.77
C LEU B 55 -25.35 25.48 9.30
N ASN B 56 -24.55 26.06 8.41
CA ASN B 56 -23.30 26.71 8.78
C ASN B 56 -22.43 25.74 9.57
N LYS B 57 -22.25 24.54 9.00
CA LYS B 57 -21.48 23.47 9.63
C LYS B 57 -20.51 22.90 8.62
N PRO B 58 -19.43 23.64 8.32
CA PRO B 58 -18.52 23.21 7.24
C PRO B 58 -17.82 21.90 7.52
N ASP B 59 -17.82 21.42 8.77
CA ASP B 59 -17.15 20.18 9.14
C ASP B 59 -18.14 19.03 9.36
N LEU B 60 -19.38 19.20 8.91
CA LEU B 60 -20.34 18.11 8.96
C LEU B 60 -19.77 16.88 8.28
N GLN B 61 -19.98 15.71 8.90
CA GLN B 61 -19.52 14.44 8.37
C GLN B 61 -20.64 13.74 7.63
N VAL B 62 -20.28 12.78 6.78
CA VAL B 62 -21.21 12.02 5.96
CA VAL B 62 -21.23 12.03 5.99
C VAL B 62 -21.00 10.55 6.24
N LYS B 63 -22.09 9.80 6.38
CA LYS B 63 -21.96 8.36 6.52
C LYS B 63 -22.85 7.72 5.46
N LEU B 64 -22.22 7.26 4.36
CA LEU B 64 -22.95 6.52 3.33
C LEU B 64 -23.16 5.07 3.75
N ILE B 65 -24.41 4.61 3.66
CA ILE B 65 -24.74 3.22 4.00
C ILE B 65 -25.51 2.60 2.83
N PRO B 66 -25.29 1.32 2.54
CA PRO B 66 -25.94 0.70 1.37
C PRO B 66 -27.37 0.26 1.64
N ILE B 67 -28.21 0.43 0.63
CA ILE B 67 -29.62 0.01 0.66
C ILE B 67 -29.92 -0.73 -0.64
N THR B 68 -31.06 -1.41 -0.68
CA THR B 68 -31.53 -2.10 -1.88
C THR B 68 -32.94 -1.66 -2.22
N ALA B 69 -33.39 -1.99 -3.43
CA ALA B 69 -34.79 -1.70 -3.78
C ALA B 69 -35.74 -2.35 -2.78
N GLN B 70 -35.34 -3.48 -2.22
CA GLN B 70 -36.20 -4.22 -1.30
C GLN B 70 -36.33 -3.52 0.05
N ASN B 71 -35.22 -3.03 0.61
CA ASN B 71 -35.24 -2.57 1.99
C ASN B 71 -35.23 -1.06 2.14
N ARG B 72 -35.29 -0.30 1.04
CA ARG B 72 -35.08 1.14 1.16
C ARG B 72 -36.18 1.80 1.98
N ILE B 73 -37.43 1.38 1.81
CA ILE B 73 -38.51 2.06 2.52
C ILE B 73 -38.55 1.65 3.99
N PRO B 74 -38.45 0.36 4.35
CA PRO B 74 -38.26 0.02 5.78
C PRO B 74 -37.12 0.75 6.45
N LEU B 75 -35.96 0.90 5.78
CA LEU B 75 -34.83 1.53 6.43
C LEU B 75 -35.01 3.04 6.53
N LEU B 76 -35.75 3.64 5.60
CA LEU B 76 -36.10 5.04 5.74
C LEU B 76 -37.00 5.23 6.94
N GLN B 77 -38.02 4.39 7.04
CA GLN B 77 -39.08 4.57 8.02
C GLN B 77 -38.60 4.36 9.44
N ASN B 78 -37.57 3.54 9.66
CA ASN B 78 -37.03 3.38 11.01
C ASN B 78 -35.81 4.26 11.26
N GLY B 79 -35.52 5.18 10.34
CA GLY B 79 -34.49 6.19 10.55
C GLY B 79 -33.08 5.70 10.34
N THR B 80 -32.89 4.61 9.59
CA THR B 80 -31.53 4.10 9.40
C THR B 80 -30.70 5.05 8.54
N PHE B 81 -31.35 5.84 7.67
CA PHE B 81 -30.66 6.91 6.95
C PHE B 81 -31.59 8.11 6.87
N ASP B 82 -31.01 9.26 6.54
CA ASP B 82 -31.73 10.54 6.44
C ASP B 82 -32.32 10.78 5.05
N PHE B 83 -31.59 10.43 3.98
CA PHE B 83 -32.14 10.43 2.63
C PHE B 83 -31.29 9.50 1.76
N GLU B 84 -31.81 9.18 0.58
CA GLU B 84 -31.05 8.43 -0.42
C GLU B 84 -31.28 9.01 -1.81
N CYS B 85 -30.23 9.02 -2.64
CA CYS B 85 -30.34 9.30 -4.07
C CYS B 85 -29.68 8.17 -4.83
N GLY B 86 -30.40 7.63 -5.81
CA GLY B 86 -29.91 6.48 -6.55
C GLY B 86 -30.75 6.28 -7.78
N SER B 87 -31.59 5.24 -7.77
CA SER B 87 -32.43 4.98 -8.91
C SER B 87 -33.84 4.67 -8.45
N THR B 88 -34.31 5.38 -7.41
CA THR B 88 -35.64 5.10 -6.84
C THR B 88 -36.69 5.88 -7.61
N THR B 89 -37.67 5.16 -8.14
CA THR B 89 -38.79 5.76 -8.85
C THR B 89 -39.74 6.45 -7.88
N ASN B 90 -40.04 7.71 -8.18
CA ASN B 90 -41.06 8.48 -7.50
C ASN B 90 -42.41 8.13 -8.10
N ASN B 91 -43.31 7.53 -7.31
CA ASN B 91 -44.66 7.29 -7.81
C ASN B 91 -45.64 7.53 -6.67
N VAL B 92 -46.94 7.51 -7.03
CA VAL B 92 -47.97 7.91 -6.07
C VAL B 92 -48.09 6.91 -4.93
N GLU B 93 -47.94 5.61 -5.24
CA GLU B 93 -48.02 4.59 -4.20
C GLU B 93 -46.92 4.80 -3.16
N ARG B 94 -45.70 5.10 -3.61
CA ARG B 94 -44.61 5.30 -2.66
C ARG B 94 -44.70 6.64 -1.92
N GLN B 95 -45.39 7.63 -2.50
CA GLN B 95 -45.62 8.88 -1.78
C GLN B 95 -46.50 8.72 -0.54
N LYS B 96 -47.18 7.57 -0.37
CA LYS B 96 -47.88 7.30 0.89
C LYS B 96 -46.92 6.96 2.02
N GLN B 97 -45.71 6.54 1.69
CA GLN B 97 -44.73 6.12 2.67
C GLN B 97 -43.56 7.07 2.82
N ALA B 98 -43.31 7.91 1.80
CA ALA B 98 -42.09 8.69 1.73
C ALA B 98 -42.34 9.94 0.90
N ALA B 99 -41.35 10.83 0.90
CA ALA B 99 -41.38 12.01 0.06
C ALA B 99 -40.24 11.94 -0.95
N PHE B 100 -40.41 12.61 -2.09
CA PHE B 100 -39.41 12.59 -3.15
C PHE B 100 -38.99 14.00 -3.54
N SER B 101 -37.71 14.16 -3.82
CA SER B 101 -37.15 15.41 -4.32
C SER B 101 -37.58 15.65 -5.77
N ASP B 102 -37.09 16.78 -6.32
CA ASP B 102 -37.10 17.01 -7.76
C ASP B 102 -36.50 15.82 -8.49
N THR B 103 -37.01 15.58 -9.69
CA THR B 103 -36.61 14.45 -10.52
C THR B 103 -35.20 14.65 -11.06
N ILE B 104 -34.38 13.61 -10.98
CA ILE B 104 -33.01 13.68 -11.50
C ILE B 104 -32.80 12.85 -12.75
N PHE B 105 -33.74 11.98 -13.12
CA PHE B 105 -33.61 11.16 -14.31
C PHE B 105 -34.98 10.59 -14.64
N VAL B 106 -35.17 10.25 -15.93
CA VAL B 106 -36.39 9.67 -16.44
C VAL B 106 -36.06 8.44 -17.29
N VAL B 107 -36.80 7.35 -17.10
CA VAL B 107 -36.51 6.07 -17.74
C VAL B 107 -37.79 5.46 -18.29
N GLY B 108 -37.60 4.45 -19.13
CA GLY B 108 -38.68 3.55 -19.51
C GLY B 108 -38.27 2.12 -19.23
N THR B 109 -39.23 1.32 -18.77
CA THR B 109 -38.91 -0.07 -18.37
C THR B 109 -38.95 -0.98 -19.58
N ARG B 110 -37.81 -1.58 -19.92
CA ARG B 110 -37.66 -2.35 -21.15
C ARG B 110 -37.00 -3.69 -20.85
N LEU B 111 -36.52 -4.37 -21.90
CA LEU B 111 -35.97 -5.71 -21.81
C LEU B 111 -34.54 -5.71 -22.33
N LEU B 112 -33.65 -6.45 -21.67
CA LEU B 112 -32.31 -6.70 -22.18
C LEU B 112 -32.23 -8.16 -22.60
N THR B 113 -31.73 -8.42 -23.81
CA THR B 113 -31.76 -9.79 -24.31
C THR B 113 -30.58 -9.98 -25.25
N LYS B 114 -30.25 -11.25 -25.50
CA LYS B 114 -29.23 -11.58 -26.49
C LYS B 114 -29.74 -11.28 -27.89
N LYS B 115 -28.88 -10.72 -28.72
CA LYS B 115 -29.23 -10.48 -30.10
C LYS B 115 -29.55 -11.79 -30.83
N GLY B 116 -30.45 -11.70 -31.80
CA GLY B 116 -30.72 -12.82 -32.67
C GLY B 116 -31.64 -13.87 -32.10
N GLY B 117 -32.49 -13.51 -31.14
CA GLY B 117 -33.42 -14.46 -30.57
C GLY B 117 -34.82 -14.28 -31.09
N ASP B 118 -35.79 -14.70 -30.29
CA ASP B 118 -37.17 -14.36 -30.53
C ASP B 118 -37.70 -13.29 -29.57
N ILE B 119 -36.85 -12.66 -28.77
CA ILE B 119 -37.30 -11.63 -27.82
C ILE B 119 -37.19 -10.27 -28.51
N LYS B 120 -38.31 -9.80 -29.06
CA LYS B 120 -38.43 -8.50 -29.68
C LYS B 120 -39.34 -7.55 -28.90
N ASP B 121 -40.26 -8.08 -28.12
CA ASP B 121 -41.18 -7.27 -27.33
C ASP B 121 -41.67 -8.14 -26.17
N PHE B 122 -42.44 -7.52 -25.27
CA PHE B 122 -42.85 -8.22 -24.06
C PHE B 122 -43.72 -9.43 -24.35
N ALA B 123 -44.43 -9.44 -25.48
CA ALA B 123 -45.27 -10.59 -25.82
C ALA B 123 -44.44 -11.85 -26.02
N ASN B 124 -43.18 -11.71 -26.41
CA ASN B 124 -42.31 -12.86 -26.63
C ASN B 124 -41.81 -13.50 -25.34
N LEU B 125 -42.18 -12.97 -24.17
CA LEU B 125 -41.79 -13.58 -22.91
C LEU B 125 -42.66 -14.77 -22.54
N LYS B 126 -43.65 -15.07 -23.36
CA LYS B 126 -44.54 -16.21 -23.10
C LYS B 126 -43.71 -17.47 -22.93
N ASP B 127 -44.01 -18.22 -21.86
CA ASP B 127 -43.38 -19.50 -21.53
C ASP B 127 -41.88 -19.40 -21.26
N LYS B 128 -41.35 -18.20 -21.05
CA LYS B 128 -39.92 -17.99 -20.92
C LYS B 128 -39.53 -17.77 -19.46
N ALA B 129 -38.27 -18.07 -19.15
CA ALA B 129 -37.67 -17.68 -17.89
C ALA B 129 -37.19 -16.24 -18.03
N VAL B 130 -37.65 -15.36 -17.13
CA VAL B 130 -37.39 -13.93 -17.19
C VAL B 130 -36.86 -13.50 -15.82
N VAL B 131 -35.76 -12.72 -15.80
CA VAL B 131 -35.19 -12.24 -14.54
C VAL B 131 -35.54 -10.78 -14.34
N VAL B 132 -35.76 -10.41 -13.08
CA VAL B 132 -36.10 -9.06 -12.67
C VAL B 132 -35.58 -8.89 -11.25
N THR B 133 -35.26 -7.65 -10.86
CA THR B 133 -34.66 -7.39 -9.55
C THR B 133 -35.73 -7.29 -8.47
N SER B 134 -35.53 -7.99 -7.36
CA SER B 134 -36.48 -7.96 -6.25
C SER B 134 -36.76 -6.53 -5.81
N GLY B 135 -38.04 -6.25 -5.56
CA GLY B 135 -38.47 -5.03 -4.90
C GLY B 135 -38.59 -3.83 -5.79
N THR B 136 -38.52 -4.00 -7.11
CA THR B 136 -38.53 -2.90 -8.07
C THR B 136 -39.91 -2.73 -8.70
N THR B 137 -40.12 -1.57 -9.30
CA THR B 137 -41.34 -1.38 -10.08
C THR B 137 -41.46 -2.40 -11.21
N SER B 138 -40.33 -2.78 -11.83
CA SER B 138 -40.43 -3.77 -12.91
C SER B 138 -40.93 -5.12 -12.39
N GLU B 139 -40.51 -5.53 -11.19
CA GLU B 139 -41.00 -6.79 -10.64
C GLU B 139 -42.52 -6.78 -10.53
N VAL B 140 -43.09 -5.66 -10.08
CA VAL B 140 -44.54 -5.53 -9.97
C VAL B 140 -45.18 -5.58 -11.36
N LEU B 141 -44.61 -4.82 -12.31
CA LEU B 141 -45.15 -4.77 -13.66
C LEU B 141 -45.12 -6.14 -14.32
N LEU B 142 -44.02 -6.88 -14.14
CA LEU B 142 -43.86 -8.15 -14.83
C LEU B 142 -44.81 -9.19 -14.28
N ASN B 143 -44.97 -9.24 -12.95
CA ASN B 143 -45.92 -10.16 -12.36
C ASN B 143 -47.34 -9.81 -12.78
N LYS B 144 -47.68 -8.51 -12.86
CA LYS B 144 -49.00 -8.13 -13.32
C LYS B 144 -49.23 -8.59 -14.77
N LEU B 145 -48.23 -8.39 -15.62
CA LEU B 145 -48.34 -8.83 -17.01
C LEU B 145 -48.51 -10.34 -17.09
N ASN B 146 -47.70 -11.08 -16.33
CA ASN B 146 -47.79 -12.54 -16.32
C ASN B 146 -49.19 -13.00 -15.97
N GLU B 147 -49.77 -12.38 -14.94
CA GLU B 147 -51.09 -12.79 -14.44
C GLU B 147 -52.21 -12.34 -15.38
N GLU B 148 -52.13 -11.11 -15.88
CA GLU B 148 -53.25 -10.54 -16.64
C GLU B 148 -53.33 -11.12 -18.05
N GLN B 149 -52.20 -11.38 -18.69
CA GLN B 149 -52.18 -11.94 -20.03
C GLN B 149 -51.94 -13.45 -20.04
N LYS B 150 -51.80 -14.07 -18.87
CA LYS B 150 -51.67 -15.53 -18.74
C LYS B 150 -50.49 -16.06 -19.55
N MET B 151 -49.31 -15.50 -19.26
CA MET B 151 -48.13 -15.70 -20.09
C MET B 151 -47.24 -16.86 -19.64
N ASN B 152 -47.47 -17.40 -18.44
CA ASN B 152 -46.74 -18.57 -17.95
C ASN B 152 -45.23 -18.36 -17.98
N MET B 153 -44.79 -17.14 -17.65
CA MET B 153 -43.38 -16.91 -17.43
C MET B 153 -42.93 -17.63 -16.17
N ARG B 154 -41.65 -17.99 -16.14
CA ARG B 154 -40.97 -18.38 -14.90
C ARG B 154 -40.12 -17.19 -14.49
N ILE B 155 -40.63 -16.41 -13.53
CA ILE B 155 -39.98 -15.17 -13.14
C ILE B 155 -38.96 -15.46 -12.05
N ILE B 156 -37.70 -15.09 -12.31
CA ILE B 156 -36.60 -15.20 -11.37
C ILE B 156 -36.37 -13.83 -10.76
N SER B 157 -36.51 -13.74 -9.44
CA SER B 157 -36.36 -12.48 -8.72
C SER B 157 -34.99 -12.44 -8.06
N ALA B 158 -34.08 -11.63 -8.61
CA ALA B 158 -32.70 -11.57 -8.15
C ALA B 158 -32.48 -10.38 -7.20
N LYS B 159 -31.43 -10.48 -6.40
CA LYS B 159 -31.31 -9.57 -5.26
C LYS B 159 -30.80 -8.18 -5.62
N ASP B 160 -30.16 -7.99 -6.77
CA ASP B 160 -29.76 -6.67 -7.26
C ASP B 160 -29.46 -6.76 -8.74
N HIS B 161 -29.18 -5.60 -9.35
CA HIS B 161 -29.18 -5.53 -10.82
C HIS B 161 -28.02 -6.32 -11.42
N GLY B 162 -26.86 -6.34 -10.76
CA GLY B 162 -25.75 -7.12 -11.28
C GLY B 162 -26.05 -8.61 -11.25
N ASP B 163 -26.68 -9.08 -10.17
CA ASP B 163 -27.09 -10.48 -10.11
CA ASP B 163 -27.11 -10.47 -10.09
C ASP B 163 -28.17 -10.78 -11.14
N SER B 164 -29.10 -9.83 -11.36
CA SER B 164 -30.09 -10.03 -12.40
C SER B 164 -29.42 -10.21 -13.74
N PHE B 165 -28.49 -9.33 -14.07
CA PHE B 165 -27.89 -9.37 -15.39
C PHE B 165 -27.12 -10.66 -15.60
N ARG B 166 -26.34 -11.09 -14.60
CA ARG B 166 -25.57 -12.31 -14.79
C ARG B 166 -26.46 -13.54 -14.90
N THR B 167 -27.69 -13.47 -14.40
CA THR B 167 -28.66 -14.52 -14.70
C THR B 167 -28.91 -14.61 -16.19
N LEU B 168 -29.16 -13.46 -16.82
CA LEU B 168 -29.32 -13.40 -18.27
C LEU B 168 -28.05 -13.81 -18.99
N GLU B 169 -26.90 -13.29 -18.54
CA GLU B 169 -25.63 -13.55 -19.21
C GLU B 169 -25.29 -15.04 -19.21
N SER B 170 -25.60 -15.73 -18.12
CA SER B 170 -25.30 -17.14 -17.98
C SER B 170 -26.33 -18.04 -18.66
N GLY B 171 -27.37 -17.45 -19.26
CA GLY B 171 -28.39 -18.22 -19.92
C GLY B 171 -29.48 -18.77 -19.04
N ARG B 172 -29.51 -18.41 -17.76
CA ARG B 172 -30.57 -18.90 -16.89
C ARG B 172 -31.88 -18.15 -17.12
N ALA B 173 -31.85 -17.03 -17.83
CA ALA B 173 -33.05 -16.33 -18.27
C ALA B 173 -32.82 -15.79 -19.67
N VAL B 174 -33.91 -15.63 -20.43
CA VAL B 174 -33.75 -15.14 -21.80
C VAL B 174 -33.81 -13.62 -21.89
N ALA B 175 -34.37 -12.95 -20.88
CA ALA B 175 -34.42 -11.50 -20.85
C ALA B 175 -34.39 -11.02 -19.40
N PHE B 176 -33.92 -9.79 -19.22
CA PHE B 176 -33.87 -9.08 -17.93
C PHE B 176 -34.69 -7.81 -18.11
N MET B 177 -35.79 -7.67 -17.35
CA MET B 177 -36.59 -6.46 -17.46
C MET B 177 -36.21 -5.48 -16.37
N MET B 178 -35.94 -4.24 -16.76
CA MET B 178 -35.62 -3.23 -15.75
C MET B 178 -35.67 -1.89 -16.51
N ASP B 179 -35.61 -0.79 -15.75
CA ASP B 179 -35.32 0.55 -16.27
C ASP B 179 -34.27 0.48 -17.37
N ASP B 180 -34.58 1.09 -18.52
CA ASP B 180 -33.70 0.94 -19.69
C ASP B 180 -32.27 1.40 -19.40
N VAL B 181 -32.12 2.53 -18.70
CA VAL B 181 -30.77 3.05 -18.46
C VAL B 181 -29.96 2.08 -17.58
N LEU B 182 -30.62 1.41 -16.64
CA LEU B 182 -29.90 0.48 -15.78
C LEU B 182 -29.55 -0.80 -16.53
N LEU B 183 -30.38 -1.19 -17.51
CA LEU B 183 -30.00 -2.28 -18.40
C LEU B 183 -28.72 -1.95 -19.13
N ALA B 184 -28.61 -0.70 -19.61
CA ALA B 184 -27.41 -0.26 -20.31
C ALA B 184 -26.20 -0.25 -19.37
N GLY B 185 -26.44 0.13 -18.11
CA GLY B 185 -25.35 0.11 -17.13
C GLY B 185 -24.80 -1.29 -16.91
N GLU B 186 -25.69 -2.27 -16.70
CA GLU B 186 -25.22 -3.64 -16.53
C GLU B 186 -24.56 -4.15 -17.80
N ARG B 187 -25.04 -3.70 -18.96
CA ARG B 187 -24.43 -4.11 -20.23
C ARG B 187 -23.00 -3.60 -20.35
N ALA B 188 -22.74 -2.38 -19.91
CA ALA B 188 -21.39 -1.82 -20.01
C ALA B 188 -20.37 -2.63 -19.21
N LYS B 189 -20.83 -3.36 -18.18
CA LYS B 189 -19.96 -4.15 -17.33
C LYS B 189 -19.83 -5.59 -17.80
N ALA B 190 -20.60 -5.99 -18.83
CA ALA B 190 -20.64 -7.38 -19.27
C ALA B 190 -19.32 -7.82 -19.90
N LYS B 191 -19.17 -9.13 -20.02
CA LYS B 191 -18.00 -9.68 -20.69
C LYS B 191 -17.96 -9.27 -22.16
N LYS B 192 -19.08 -9.45 -22.86
CA LYS B 192 -19.24 -9.04 -24.26
C LYS B 192 -20.41 -8.07 -24.33
N PRO B 193 -20.18 -6.78 -24.07
CA PRO B 193 -21.29 -5.81 -24.11
C PRO B 193 -21.99 -5.76 -25.45
N ASP B 194 -21.28 -6.04 -26.54
CA ASP B 194 -21.83 -6.03 -27.89
C ASP B 194 -22.87 -7.14 -28.11
N ASN B 195 -22.98 -8.11 -27.20
CA ASN B 195 -23.91 -9.21 -27.38
C ASN B 195 -25.34 -8.89 -26.95
N TRP B 196 -25.59 -7.71 -26.36
CA TRP B 196 -26.85 -7.44 -25.67
C TRP B 196 -27.53 -6.19 -26.23
N GLU B 197 -28.84 -6.31 -26.48
CA GLU B 197 -29.64 -5.20 -26.99
C GLU B 197 -30.85 -4.97 -26.10
N ILE B 198 -31.26 -3.71 -26.02
CA ILE B 198 -32.47 -3.32 -25.29
C ILE B 198 -33.63 -3.27 -26.26
N VAL B 199 -34.72 -3.98 -25.93
CA VAL B 199 -35.85 -4.15 -26.83
C VAL B 199 -37.15 -3.89 -26.09
N GLY B 200 -38.21 -3.70 -26.85
CA GLY B 200 -39.56 -3.75 -26.33
C GLY B 200 -40.16 -2.37 -26.10
N LYS B 201 -41.48 -2.30 -26.20
CA LYS B 201 -42.30 -1.16 -25.80
C LYS B 201 -42.17 -0.90 -24.31
N PRO B 202 -41.75 0.29 -23.88
CA PRO B 202 -41.67 0.56 -22.44
C PRO B 202 -42.98 0.24 -21.73
N GLN B 203 -42.90 -0.55 -20.65
CA GLN B 203 -44.08 -0.85 -19.87
C GLN B 203 -44.48 0.30 -18.96
N SER B 204 -43.58 1.26 -18.74
CA SER B 204 -43.86 2.44 -17.92
C SER B 204 -42.82 3.50 -18.22
N GLN B 205 -43.18 4.74 -17.88
CA GLN B 205 -42.23 5.87 -17.82
C GLN B 205 -42.07 6.23 -16.36
N GLU B 206 -40.83 6.35 -15.89
CA GLU B 206 -40.63 6.55 -14.45
C GLU B 206 -39.59 7.62 -14.18
N ALA B 207 -39.81 8.37 -13.10
CA ALA B 207 -38.94 9.47 -12.69
C ALA B 207 -38.17 9.06 -11.43
N TYR B 208 -36.84 9.25 -11.49
CA TYR B 208 -36.01 9.05 -10.30
C TYR B 208 -36.03 10.29 -9.42
N GLY B 209 -36.16 10.10 -8.11
CA GLY B 209 -36.01 11.19 -7.17
C GLY B 209 -35.25 10.73 -5.94
N CYS B 210 -34.68 11.69 -5.22
CA CYS B 210 -34.16 11.40 -3.90
C CYS B 210 -35.34 11.12 -2.98
N MET B 211 -35.16 10.14 -2.09
CA MET B 211 -36.17 9.75 -1.10
C MET B 211 -35.82 10.21 0.31
N LEU B 212 -36.80 10.81 0.99
CA LEU B 212 -36.66 11.26 2.37
C LEU B 212 -37.98 11.01 3.10
N ARG B 213 -37.96 11.15 4.42
CA ARG B 213 -39.18 10.90 5.18
C ARG B 213 -40.20 11.99 4.89
N LYS B 214 -41.48 11.64 5.03
CA LYS B 214 -42.58 12.57 4.80
C LYS B 214 -42.60 13.68 5.85
N ASP B 215 -43.26 14.79 5.49
CA ASP B 215 -43.56 15.89 6.42
C ASP B 215 -42.31 16.66 6.81
N ASP B 216 -41.37 16.81 5.88
CA ASP B 216 -40.13 17.54 6.11
C ASP B 216 -39.92 18.49 4.95
N PRO B 217 -40.76 19.52 4.84
CA PRO B 217 -40.65 20.42 3.69
C PRO B 217 -39.32 21.16 3.64
N GLN B 218 -38.74 21.52 4.79
CA GLN B 218 -37.47 22.25 4.77
C GLN B 218 -36.36 21.39 4.16
N PHE B 219 -36.24 20.14 4.64
CA PHE B 219 -35.25 19.21 4.09
C PHE B 219 -35.49 18.98 2.59
N LYS B 220 -36.76 18.75 2.20
CA LYS B 220 -37.08 18.59 0.79
C LYS B 220 -36.72 19.83 -0.02
N LYS B 221 -36.96 21.03 0.54
CA LYS B 221 -36.72 22.24 -0.24
C LYS B 221 -35.24 22.42 -0.52
N LEU B 222 -34.38 22.04 0.42
CA LEU B 222 -32.94 22.15 0.20
C LEU B 222 -32.50 21.22 -0.93
N MET B 223 -33.04 20.00 -0.95
CA MET B 223 -32.80 19.09 -2.07
C MET B 223 -33.27 19.69 -3.39
N ASP B 224 -34.53 20.16 -3.44
CA ASP B 224 -35.11 20.66 -4.67
C ASP B 224 -34.34 21.87 -5.20
N ASP B 225 -34.05 22.82 -4.31
CA ASP B 225 -33.29 24.00 -4.73
C ASP B 225 -31.94 23.59 -5.31
N THR B 226 -31.30 22.59 -4.70
CA THR B 226 -29.98 22.16 -5.18
C THR B 226 -30.10 21.47 -6.54
N ILE B 227 -31.06 20.55 -6.67
CA ILE B 227 -31.26 19.87 -7.94
C ILE B 227 -31.63 20.85 -9.05
N ALA B 228 -32.60 21.73 -8.78
CA ALA B 228 -33.00 22.67 -9.83
C ALA B 228 -31.83 23.56 -10.24
N GLN B 229 -31.00 23.99 -9.29
CA GLN B 229 -29.86 24.81 -9.64
C GLN B 229 -28.86 24.02 -10.50
N VAL B 230 -28.56 22.78 -10.13
CA VAL B 230 -27.66 21.97 -10.95
C VAL B 230 -28.22 21.84 -12.36
N GLN B 231 -29.55 21.68 -12.48
CA GLN B 231 -30.15 21.41 -13.78
C GLN B 231 -30.20 22.65 -14.66
N THR B 232 -30.67 23.78 -14.12
CA THR B 232 -30.81 24.98 -14.93
C THR B 232 -29.47 25.64 -15.24
N SER B 233 -28.46 25.45 -14.39
CA SER B 233 -27.14 26.01 -14.67
C SER B 233 -26.42 25.28 -15.78
N GLY B 234 -26.93 24.14 -16.23
CA GLY B 234 -26.25 23.32 -17.21
C GLY B 234 -25.38 22.22 -16.64
N GLU B 235 -25.10 22.22 -15.33
CA GLU B 235 -24.21 21.22 -14.76
C GLU B 235 -24.78 19.81 -14.86
N ALA B 236 -26.11 19.67 -14.78
CA ALA B 236 -26.73 18.35 -14.93
C ALA B 236 -26.37 17.73 -16.27
N GLU B 237 -26.37 18.54 -17.33
CA GLU B 237 -25.99 18.04 -18.65
C GLU B 237 -24.52 17.70 -18.70
N LYS B 238 -23.67 18.50 -18.04
CA LYS B 238 -22.26 18.14 -17.96
C LYS B 238 -22.05 16.82 -17.25
N TRP B 239 -22.80 16.59 -16.16
CA TRP B 239 -22.71 15.31 -15.47
C TRP B 239 -23.20 14.18 -16.36
N PHE B 240 -24.21 14.45 -17.19
CA PHE B 240 -24.67 13.43 -18.13
C PHE B 240 -23.56 13.03 -19.09
N ASP B 241 -22.90 14.01 -19.72
CA ASP B 241 -21.81 13.69 -20.63
C ASP B 241 -20.71 12.91 -19.92
N LYS B 242 -20.41 13.27 -18.67
CA LYS B 242 -19.38 12.57 -17.92
C LYS B 242 -19.70 11.09 -17.75
N TRP B 243 -20.93 10.78 -17.31
CA TRP B 243 -21.26 9.41 -16.98
C TRP B 243 -21.73 8.60 -18.19
N PHE B 244 -22.32 9.26 -19.19
CA PHE B 244 -22.99 8.54 -20.27
C PHE B 244 -22.31 8.66 -21.63
N LYS B 245 -21.48 9.67 -21.86
CA LYS B 245 -20.87 9.87 -23.17
C LYS B 245 -19.35 9.75 -23.18
N ASN B 246 -18.68 9.71 -22.04
CA ASN B 246 -17.23 9.62 -21.95
C ASN B 246 -16.83 8.40 -21.13
N PRO B 247 -15.60 7.92 -21.28
CA PRO B 247 -15.16 6.77 -20.48
C PRO B 247 -15.19 7.11 -18.99
N ILE B 248 -15.76 6.20 -18.21
CA ILE B 248 -15.74 6.30 -16.76
C ILE B 248 -14.47 5.62 -16.27
N LEU B 249 -13.61 6.38 -15.58
CA LEU B 249 -12.32 5.89 -15.12
C LEU B 249 -12.32 5.75 -13.60
N VAL B 250 -11.47 4.87 -13.09
CA VAL B 250 -11.23 4.78 -11.65
C VAL B 250 -9.79 5.19 -11.38
N SER B 251 -9.61 6.23 -10.58
CA SER B 251 -8.28 6.74 -10.27
C SER B 251 -7.47 5.71 -9.51
N HIS B 252 -6.15 5.77 -9.70
CA HIS B 252 -5.22 5.00 -8.89
C HIS B 252 -4.69 5.88 -7.78
N ASN B 253 -4.40 5.27 -6.64
CA ASN B 253 -3.89 5.97 -5.46
C ASN B 253 -2.45 5.54 -5.22
N VAL B 254 -1.52 6.49 -5.35
CA VAL B 254 -0.11 6.22 -5.08
C VAL B 254 0.15 6.66 -3.64
N TYR B 255 0.40 5.70 -2.74
CA TYR B 255 0.49 6.01 -1.32
C TYR B 255 1.94 6.29 -0.94
N ILE B 256 2.23 7.51 -0.50
CA ILE B 256 3.59 8.02 -0.29
C ILE B 256 3.86 8.13 1.19
N THR B 257 5.05 7.68 1.62
CA THR B 257 5.55 7.85 2.97
C THR B 257 6.98 8.35 2.89
N ALA B 258 7.40 9.14 3.89
CA ALA B 258 8.77 9.62 3.92
C ALA B 258 9.76 8.49 4.17
N ASP B 259 10.96 8.65 3.62
CA ASP B 259 12.09 7.77 3.86
C ASP B 259 13.21 8.67 4.34
N LYS B 260 13.11 9.10 5.60
CA LYS B 260 13.98 10.16 6.11
C LYS B 260 15.43 9.76 6.01
N GLN B 261 15.74 8.47 6.26
CA GLN B 261 17.15 8.12 6.29
C GLN B 261 17.81 8.25 4.93
N LYS B 262 17.03 8.18 3.84
CA LYS B 262 17.56 8.35 2.49
C LYS B 262 17.24 9.75 1.95
N ASN B 263 16.73 10.63 2.82
CA ASN B 263 16.27 11.97 2.48
C ASN B 263 15.30 11.94 1.31
N GLY B 264 14.40 10.95 1.33
CA GLY B 264 13.53 10.72 0.20
C GLY B 264 12.18 10.19 0.62
N ILE B 265 11.57 9.38 -0.25
CA ILE B 265 10.24 8.84 -0.03
C ILE B 265 10.19 7.40 -0.51
N LYS B 266 9.16 6.68 -0.07
CA LYS B 266 8.80 5.39 -0.63
C LYS B 266 7.33 5.46 -1.01
N ALA B 267 6.90 4.60 -1.94
CA ALA B 267 5.49 4.57 -2.27
C ALA B 267 5.06 3.14 -2.53
N ASN B 268 3.76 2.88 -2.39
CA ASN B 268 3.18 1.59 -2.76
C ASN B 268 1.87 1.84 -3.47
N PHE B 269 1.58 1.04 -4.48
CA PHE B 269 0.26 1.14 -5.11
C PHE B 269 0.02 -0.06 -6.01
N LYS B 270 -1.25 -0.25 -6.36
CA LYS B 270 -1.67 -1.38 -7.20
C LYS B 270 -2.29 -0.87 -8.49
N ILE B 271 -1.87 -1.45 -9.62
CA ILE B 271 -2.44 -1.21 -10.94
C ILE B 271 -3.17 -2.48 -11.35
N ARG B 272 -4.35 -2.33 -11.94
CA ARG B 272 -5.15 -3.46 -12.43
C ARG B 272 -5.34 -3.30 -13.94
N HIS B 273 -4.52 -3.96 -14.73
CA HIS B 273 -4.62 -3.84 -16.18
C HIS B 273 -5.80 -4.66 -16.69
N ASN B 274 -6.70 -4.03 -17.45
CA ASN B 274 -7.78 -4.77 -18.10
C ASN B 274 -7.20 -5.84 -19.02
N VAL B 275 -7.70 -7.07 -18.90
CA VAL B 275 -7.35 -8.17 -19.80
C VAL B 275 -8.49 -8.34 -20.80
N GLU B 276 -8.14 -8.73 -22.03
CA GLU B 276 -9.14 -8.73 -23.10
C GLU B 276 -10.30 -9.69 -22.83
N ASP B 277 -10.07 -10.75 -22.04
CA ASP B 277 -11.16 -11.66 -21.70
C ASP B 277 -12.08 -11.11 -20.61
N GLY B 278 -11.81 -9.92 -20.07
CA GLY B 278 -12.61 -9.33 -19.03
C GLY B 278 -12.06 -9.47 -17.62
N SER B 279 -11.01 -10.26 -17.44
CA SER B 279 -10.32 -10.32 -16.16
C SER B 279 -9.43 -9.10 -16.01
N VAL B 280 -8.68 -9.03 -14.90
CA VAL B 280 -7.69 -7.99 -14.71
C VAL B 280 -6.37 -8.64 -14.36
N GLN B 281 -5.28 -7.94 -14.70
CA GLN B 281 -3.92 -8.34 -14.41
C GLN B 281 -3.37 -7.38 -13.37
N LEU B 282 -3.19 -7.87 -12.14
CA LEU B 282 -2.66 -7.04 -11.07
C LEU B 282 -1.18 -6.76 -11.29
N ALA B 283 -0.77 -5.52 -11.05
CA ALA B 283 0.65 -5.16 -11.04
C ALA B 283 0.92 -4.41 -9.75
N ASP B 284 1.59 -5.06 -8.82
CA ASP B 284 1.88 -4.47 -7.51
C ASP B 284 3.18 -3.66 -7.58
N HIS B 285 3.12 -2.40 -7.16
CA HIS B 285 4.24 -1.46 -7.31
C HIS B 285 4.86 -1.16 -5.95
N TYR B 286 6.17 -1.36 -5.84
CA TYR B 286 6.93 -0.87 -4.70
C TYR B 286 7.94 0.13 -5.23
N GLN B 287 8.02 1.31 -4.59
CA GLN B 287 8.80 2.41 -5.14
C GLN B 287 9.66 3.06 -4.06
N GLN B 288 10.92 3.41 -4.39
CA GLN B 288 11.74 4.22 -3.50
C GLN B 288 12.40 5.33 -4.32
N ASN B 289 12.47 6.52 -3.73
CA ASN B 289 13.09 7.67 -4.38
C ASN B 289 14.08 8.32 -3.44
N THR B 290 15.20 8.77 -3.98
CA THR B 290 16.21 9.43 -3.19
C THR B 290 16.83 10.54 -4.02
N PRO B 291 17.12 11.69 -3.43
CA PRO B 291 17.63 12.83 -4.21
C PRO B 291 19.03 12.59 -4.75
N ILE B 292 19.27 13.09 -5.97
CA ILE B 292 20.60 13.02 -6.56
C ILE B 292 21.52 14.04 -5.90
N GLY B 293 20.99 15.22 -5.62
CA GLY B 293 21.78 16.26 -5.00
C GLY B 293 21.96 16.05 -3.50
N ASP B 294 22.91 16.80 -2.94
CA ASP B 294 23.21 16.71 -1.52
C ASP B 294 22.69 17.89 -0.72
N GLY B 295 21.76 18.69 -1.27
CA GLY B 295 21.14 19.78 -0.57
C GLY B 295 19.73 19.44 -0.09
N PRO B 296 19.08 20.39 0.58
CA PRO B 296 17.85 20.05 1.29
C PRO B 296 16.69 19.77 0.35
N VAL B 297 15.82 18.87 0.81
CA VAL B 297 14.59 18.54 0.12
C VAL B 297 13.42 18.77 1.08
N LEU B 298 12.21 18.62 0.55
CA LEU B 298 11.02 18.60 1.39
C LEU B 298 10.70 17.16 1.72
N LEU B 299 10.53 16.86 3.01
CA LEU B 299 10.25 15.50 3.44
C LEU B 299 8.80 15.45 3.89
N PRO B 300 7.96 14.70 3.18
CA PRO B 300 6.51 14.79 3.38
C PRO B 300 5.99 13.94 4.52
N ASP B 301 4.87 14.40 5.09
CA ASP B 301 4.03 13.48 5.83
C ASP B 301 3.30 12.55 4.84
N ASN B 302 2.73 11.47 5.36
CA ASN B 302 2.07 10.52 4.47
C ASN B 302 0.96 11.20 3.69
N HIS B 303 0.83 10.83 2.43
CA HIS B 303 -0.24 11.37 1.58
C HIS B 303 -0.33 10.49 0.35
N TYR B 304 -1.11 10.91 -0.65
CA TYR B 304 -1.19 10.07 -1.84
C TYR B 304 -1.41 10.93 -3.07
N LEU B 305 -1.13 10.33 -4.23
CA LEU B 305 -1.41 10.95 -5.52
C LEU B 305 -2.57 10.20 -6.17
N SER B 306 -3.54 10.95 -6.66
CA SER B 306 -4.70 10.42 -7.37
C SER B 306 -4.44 10.58 -8.87
N THR B 307 -4.33 9.47 -9.60
CA THR B 307 -3.79 9.46 -10.95
CA THR B 307 -3.80 9.47 -10.95
C THR B 307 -4.81 8.93 -11.94
N GLN B 308 -4.88 9.54 -13.11
CA GLN B 308 -5.69 9.05 -14.24
C GLN B 308 -4.90 9.26 -15.51
N SER B 309 -4.90 8.24 -16.39
CA SER B 309 -4.16 8.27 -17.64
C SER B 309 -5.07 7.86 -18.79
N VAL B 310 -4.81 8.39 -19.98
CA VAL B 310 -5.60 8.09 -21.18
C VAL B 310 -4.61 7.75 -22.29
N LEU B 311 -4.74 6.56 -22.87
CA LEU B 311 -3.84 6.06 -23.90
C LEU B 311 -4.54 6.16 -25.25
N SER B 312 -3.81 6.60 -26.27
CA SER B 312 -4.42 6.75 -27.59
C SER B 312 -3.37 6.53 -28.67
N LYS B 313 -3.81 6.58 -29.93
CA LYS B 313 -2.93 6.37 -31.06
C LYS B 313 -2.86 7.62 -31.92
N ASP B 314 -1.66 7.87 -32.45
CA ASP B 314 -1.40 8.98 -33.34
C ASP B 314 -1.55 8.46 -34.77
N PRO B 315 -2.53 8.96 -35.51
CA PRO B 315 -2.81 8.39 -36.84
C PRO B 315 -1.65 8.47 -37.82
N ASN B 316 -0.71 9.39 -37.62
CA ASN B 316 0.39 9.60 -38.54
C ASN B 316 1.60 8.76 -38.24
N GLU B 317 1.54 7.90 -37.24
CA GLU B 317 2.70 7.13 -36.85
C GLU B 317 2.48 5.66 -37.13
N LYS B 318 3.28 5.12 -38.05
CA LYS B 318 3.29 3.71 -38.33
C LYS B 318 4.19 2.94 -37.39
N ARG B 319 5.03 3.62 -36.62
CA ARG B 319 5.85 2.91 -35.66
C ARG B 319 5.02 2.54 -34.43
N ASP B 320 5.51 1.54 -33.72
CA ASP B 320 4.89 1.14 -32.47
C ASP B 320 5.01 2.31 -31.48
N HIS B 321 3.87 2.80 -30.98
CA HIS B 321 3.89 4.04 -30.21
C HIS B 321 2.72 4.11 -29.25
N MET B 322 2.76 5.14 -28.38
CA MET B 322 1.69 5.40 -27.42
C MET B 322 1.58 6.89 -27.21
N VAL B 323 0.38 7.44 -27.38
CA VAL B 323 0.08 8.81 -26.98
C VAL B 323 -0.57 8.77 -25.61
N LEU B 324 -0.08 9.60 -24.69
CA LEU B 324 -0.49 9.53 -23.29
C LEU B 324 -0.85 10.93 -22.77
N LEU B 325 -2.01 11.03 -22.14
CA LEU B 325 -2.40 12.20 -21.36
C LEU B 325 -2.59 11.74 -19.92
N GLU B 326 -2.13 12.54 -18.95
CA GLU B 326 -2.15 12.11 -17.56
C GLU B 326 -2.55 13.27 -16.67
N PHE B 327 -3.33 12.97 -15.62
CA PHE B 327 -3.82 13.98 -14.69
C PHE B 327 -3.63 13.46 -13.26
N VAL B 328 -2.88 14.19 -12.45
CA VAL B 328 -2.48 13.73 -11.11
C VAL B 328 -2.61 14.88 -10.13
N THR B 329 -3.28 14.63 -8.99
CA THR B 329 -3.42 15.60 -7.91
C THR B 329 -3.10 14.91 -6.58
N ALA B 330 -2.46 15.66 -5.68
CA ALA B 330 -2.14 15.12 -4.37
C ALA B 330 -3.31 15.33 -3.41
N ALA B 331 -3.42 14.44 -2.43
CA ALA B 331 -4.50 14.49 -1.45
C ALA B 331 -4.05 13.73 -0.22
N GLY B 332 -4.96 13.56 0.74
CA GLY B 332 -4.63 12.80 1.93
C GLY B 332 -4.28 13.63 3.14
N ILE B 333 -4.18 14.95 3.01
CA ILE B 333 -3.91 15.86 4.11
C ILE B 333 -4.93 16.98 4.05
N THR B 334 -5.64 17.20 5.16
CA THR B 334 -6.84 18.03 5.15
C THR B 334 -6.54 19.40 5.74
N LEU B 335 -7.18 20.43 5.18
CA LEU B 335 -7.28 21.73 5.84
C LEU B 335 -8.58 22.44 5.43
N SER B 348 7.06 30.34 -2.39
CA SER B 348 7.20 28.91 -2.67
C SER B 348 7.78 28.16 -1.47
N MET B 349 7.48 26.86 -1.38
CA MET B 349 7.99 26.00 -0.31
C MET B 349 9.34 25.40 -0.65
N SER B 350 9.77 25.48 -1.90
CA SER B 350 11.08 25.02 -2.31
C SER B 350 11.50 25.80 -3.54
N LYS B 351 12.81 25.88 -3.75
CA LYS B 351 13.34 26.45 -4.98
C LYS B 351 12.91 25.62 -6.18
N GLY B 352 12.93 24.30 -6.05
CA GLY B 352 12.57 23.45 -7.16
C GLY B 352 11.13 23.64 -7.60
N GLU B 353 10.26 23.99 -6.65
CA GLU B 353 8.86 24.24 -6.99
C GLU B 353 8.73 25.33 -8.05
N GLU B 354 9.62 26.33 -8.00
CA GLU B 354 9.55 27.46 -8.94
C GLU B 354 9.79 27.03 -10.38
N LEU B 355 10.45 25.89 -10.59
CA LEU B 355 10.77 25.46 -11.95
C LEU B 355 9.55 24.92 -12.68
N PHE B 356 8.42 24.76 -12.00
CA PHE B 356 7.27 24.08 -12.55
C PHE B 356 6.03 24.97 -12.68
N THR B 357 6.18 26.29 -12.49
CA THR B 357 5.01 27.17 -12.54
C THR B 357 4.47 27.35 -13.96
N GLY B 358 5.29 27.06 -14.98
CA GLY B 358 4.88 27.14 -16.37
C GLY B 358 4.85 25.78 -17.02
N VAL B 359 4.85 25.78 -18.36
CA VAL B 359 4.88 24.55 -19.14
C VAL B 359 6.33 24.14 -19.36
N VAL B 360 6.65 22.88 -19.06
CA VAL B 360 8.02 22.39 -19.01
C VAL B 360 8.18 21.28 -20.05
N PRO B 361 9.19 21.36 -20.93
CA PRO B 361 9.41 20.24 -21.86
C PRO B 361 9.89 19.00 -21.13
N ILE B 362 9.49 17.84 -21.64
CA ILE B 362 9.85 16.54 -21.07
C ILE B 362 10.51 15.67 -22.14
N LEU B 363 11.54 14.95 -21.72
CA LEU B 363 12.16 13.90 -22.50
C LEU B 363 12.22 12.63 -21.67
N VAL B 364 11.79 11.50 -22.25
CA VAL B 364 11.85 10.20 -21.58
C VAL B 364 12.65 9.26 -22.46
N GLU B 365 13.60 8.55 -21.86
CA GLU B 365 14.39 7.52 -22.53
C GLU B 365 14.40 6.24 -21.69
N LEU B 366 13.99 5.13 -22.30
CA LEU B 366 13.96 3.84 -21.61
C LEU B 366 14.71 2.79 -22.41
N ASP B 367 15.61 2.07 -21.74
CA ASP B 367 16.18 0.83 -22.24
C ASP B 367 15.61 -0.33 -21.43
N GLY B 368 15.09 -1.34 -22.12
CA GLY B 368 14.43 -2.45 -21.46
C GLY B 368 14.91 -3.80 -21.95
N ASP B 369 14.84 -4.78 -21.05
CA ASP B 369 15.13 -6.16 -21.37
C ASP B 369 14.14 -7.00 -20.55
N VAL B 370 13.22 -7.68 -21.23
CA VAL B 370 12.19 -8.50 -20.58
C VAL B 370 12.34 -9.92 -21.12
N ASN B 371 12.74 -10.85 -20.25
CA ASN B 371 12.99 -12.24 -20.65
C ASN B 371 13.95 -12.32 -21.82
N GLY B 372 14.98 -11.48 -21.80
CA GLY B 372 15.97 -11.45 -22.87
C GLY B 372 15.58 -10.62 -24.09
N HIS B 373 14.36 -10.12 -24.18
CA HIS B 373 13.92 -9.33 -25.33
C HIS B 373 14.24 -7.86 -25.08
N LYS B 374 15.18 -7.33 -25.87
CA LYS B 374 15.72 -6.00 -25.67
C LYS B 374 14.98 -4.98 -26.52
N PHE B 375 14.73 -3.81 -25.94
CA PHE B 375 14.01 -2.75 -26.62
C PHE B 375 14.35 -1.42 -26.00
N SER B 376 14.04 -0.36 -26.74
CA SER B 376 14.23 1.01 -26.30
C SER B 376 12.99 1.82 -26.65
N VAL B 377 12.68 2.78 -25.78
CA VAL B 377 11.55 3.69 -25.96
C VAL B 377 12.06 5.12 -25.79
N ARG B 378 11.52 6.04 -26.60
CA ARG B 378 11.75 7.48 -26.49
C ARG B 378 10.43 8.22 -26.42
N GLY B 379 10.30 9.10 -25.44
CA GLY B 379 9.11 9.91 -25.31
C GLY B 379 9.45 11.39 -25.23
N GLU B 380 8.51 12.21 -25.69
CA GLU B 380 8.66 13.66 -25.75
C GLU B 380 7.31 14.31 -25.52
N GLY B 381 7.33 15.48 -24.89
CA GLY B 381 6.10 16.21 -24.64
C GLY B 381 6.30 17.36 -23.68
N GLU B 382 5.24 17.66 -22.93
CA GLU B 382 5.26 18.79 -22.02
C GLU B 382 4.53 18.44 -20.75
N GLY B 383 4.94 19.05 -19.65
CA GLY B 383 4.26 18.92 -18.38
C GLY B 383 3.78 20.27 -17.87
N ASP B 384 2.59 20.26 -17.24
CA ASP B 384 1.94 21.46 -16.73
C ASP B 384 1.55 21.17 -15.28
N ALA B 385 2.51 21.29 -14.34
CA ALA B 385 2.21 20.88 -12.98
C ALA B 385 1.18 21.77 -12.30
N THR B 386 1.00 23.01 -12.77
CA THR B 386 -0.04 23.87 -12.20
C THR B 386 -1.40 23.19 -12.28
N ASN B 387 -1.64 22.44 -13.36
CA ASN B 387 -2.89 21.71 -13.57
C ASN B 387 -2.72 20.20 -13.40
N GLY B 388 -1.55 19.74 -12.97
CA GLY B 388 -1.33 18.33 -12.77
C GLY B 388 -1.36 17.50 -14.03
N LYS B 389 -1.00 18.07 -15.18
CA LYS B 389 -1.23 17.40 -16.45
C LYS B 389 0.05 17.16 -17.23
N LEU B 390 0.08 16.03 -17.92
CA LEU B 390 1.17 15.57 -18.77
C LEU B 390 0.60 15.34 -20.16
N THR B 391 1.35 15.72 -21.20
CA THR B 391 1.06 15.27 -22.56
C THR B 391 2.35 14.72 -23.19
N LEU B 392 2.34 13.44 -23.56
CA LEU B 392 3.54 12.80 -24.06
C LEU B 392 3.21 11.88 -25.24
N LYS B 393 4.19 11.70 -26.12
CA LYS B 393 4.12 10.67 -27.16
C LYS B 393 5.38 9.81 -27.09
N PHE B 394 5.20 8.50 -27.02
CA PHE B 394 6.28 7.54 -26.89
C PHE B 394 6.38 6.69 -28.15
N ILE B 395 7.61 6.37 -28.56
CA ILE B 395 7.87 5.53 -29.73
C ILE B 395 8.83 4.43 -29.31
N CYS B 396 8.58 3.19 -29.77
CA CYS B 396 9.59 2.14 -29.66
C CYS B 396 10.59 2.38 -30.77
N THR B 397 11.80 2.75 -30.40
CA THR B 397 12.83 3.09 -31.37
C THR B 397 13.59 1.88 -31.90
N THR B 398 13.28 0.67 -31.42
CA THR B 398 14.03 -0.54 -31.77
C THR B 398 13.22 -1.52 -32.60
N GLY B 399 12.03 -1.14 -33.03
CA GLY B 399 11.15 -2.03 -33.74
C GLY B 399 9.79 -2.09 -33.09
N LYS B 400 9.26 -3.29 -32.89
CA LYS B 400 7.98 -3.43 -32.20
C LYS B 400 8.22 -3.70 -30.72
N LEU B 401 7.28 -3.26 -29.89
CA LEU B 401 7.43 -3.45 -28.46
C LEU B 401 7.13 -4.89 -28.07
N PRO B 402 8.00 -5.55 -27.31
CA PRO B 402 7.77 -6.95 -26.92
C PRO B 402 6.87 -7.13 -25.70
N VAL B 403 6.42 -6.04 -25.09
CA VAL B 403 5.45 -6.09 -23.99
C VAL B 403 4.34 -5.10 -24.33
N PRO B 404 3.19 -5.22 -23.67
CA PRO B 404 2.12 -4.25 -23.91
C PRO B 404 2.51 -2.87 -23.38
N TRP B 405 2.16 -1.84 -24.17
CA TRP B 405 2.35 -0.46 -23.74
C TRP B 405 1.81 -0.17 -22.34
N PRO B 406 0.61 -0.60 -21.97
CA PRO B 406 0.11 -0.27 -20.62
C PRO B 406 1.02 -0.71 -19.49
N THR B 407 1.82 -1.77 -19.68
CA THR B 407 2.67 -2.24 -18.59
C THR B 407 3.85 -1.31 -18.34
N LEU B 408 4.11 -0.37 -19.26
CA LEU B 408 5.23 0.55 -19.14
C LEU B 408 4.82 1.95 -18.67
N VAL B 409 3.52 2.22 -18.57
CA VAL B 409 3.05 3.58 -18.29
C VAL B 409 3.64 4.10 -16.98
N THR B 410 3.56 3.32 -15.90
CA THR B 410 4.03 3.83 -14.62
C THR B 410 5.53 4.06 -14.63
N THR B 411 6.26 3.32 -15.47
CA THR B 411 7.71 3.48 -15.52
C THR B 411 8.10 4.72 -16.33
N LEU B 412 7.43 4.92 -17.47
CA LEU B 412 7.69 6.06 -18.34
C LEU B 412 7.26 7.34 -17.63
N1 CRO B 413 5.98 7.43 -17.01
CA1 CRO B 413 5.44 8.61 -16.27
CB1 CRO B 413 4.15 9.12 -16.92
CG1 CRO B 413 4.34 9.48 -18.38
OG1 CRO B 413 3.17 8.09 -16.84
C1 CRO B 413 5.23 8.13 -14.85
N2 CRO B 413 4.06 7.74 -14.36
N3 CRO B 413 6.25 8.06 -13.94
C2 CRO B 413 5.73 7.59 -12.74
O2 CRO B 413 6.37 7.41 -11.71
CA2 CRO B 413 4.30 7.39 -13.04
CA3 CRO B 413 7.69 8.26 -14.13
C3 CRO B 413 8.17 9.65 -13.73
O3 CRO B 413 9.37 9.80 -13.44
CB2 CRO B 413 3.46 6.84 -12.14
CG2 CRO B 413 2.04 6.51 -12.27
CD1 CRO B 413 1.34 5.95 -11.20
CD2 CRO B 413 1.35 6.68 -13.46
CE1 CRO B 413 0.02 5.58 -11.31
CE2 CRO B 413 0.02 6.31 -13.60
CZ CRO B 413 -0.65 5.75 -12.51
OH CRO B 413 -1.96 5.40 -12.62
N VAL B 414 7.24 10.73 -13.89
CA VAL B 414 7.68 12.11 -13.67
C VAL B 414 6.68 12.74 -12.70
N GLN B 415 6.70 12.23 -11.46
CA GLN B 415 5.69 12.62 -10.50
C GLN B 415 5.91 14.03 -9.97
N CYS B 416 7.01 14.67 -10.36
CA CYS B 416 7.17 16.10 -10.17
C CYS B 416 6.11 16.93 -10.91
N PHE B 417 5.34 16.35 -11.83
CA PHE B 417 4.29 17.10 -12.49
C PHE B 417 2.94 16.93 -11.81
N SER B 418 2.89 16.29 -10.65
CA SER B 418 1.65 16.23 -9.86
C SER B 418 1.22 17.63 -9.44
N ARG B 419 -0.10 17.86 -9.36
CA ARG B 419 -0.59 19.09 -8.75
C ARG B 419 -0.69 18.89 -7.24
N TYR B 420 0.13 19.63 -6.47
CA TYR B 420 -0.05 19.69 -5.03
C TYR B 420 -0.90 20.89 -4.67
N PRO B 421 -2.02 20.72 -3.96
CA PRO B 421 -2.80 21.86 -3.51
C PRO B 421 -1.97 22.75 -2.59
N ASP B 422 -2.37 24.03 -2.51
CA ASP B 422 -1.56 25.01 -1.80
C ASP B 422 -1.27 24.59 -0.36
N HIS B 423 -2.27 24.00 0.31
CA HIS B 423 -2.05 23.60 1.69
C HIS B 423 -1.15 22.37 1.83
N MET B 424 -0.72 21.76 0.72
CA MET B 424 0.16 20.59 0.75
C MET B 424 1.50 20.85 0.08
N LYS B 425 1.82 22.08 -0.25
CA LYS B 425 3.03 22.30 -1.03
C LYS B 425 4.31 22.03 -0.23
N GLN B 426 4.23 22.06 1.10
CA GLN B 426 5.39 21.69 1.92
C GLN B 426 5.68 20.19 1.88
N HIS B 427 4.86 19.38 1.20
CA HIS B 427 5.01 17.92 1.14
C HIS B 427 5.42 17.41 -0.23
N ASP B 428 5.82 18.30 -1.13
CA ASP B 428 6.16 17.94 -2.51
C ASP B 428 7.65 17.68 -2.58
N PHE B 429 8.04 16.45 -2.23
CA PHE B 429 9.43 16.02 -2.37
C PHE B 429 9.89 16.14 -3.82
N PHE B 430 9.05 15.72 -4.75
CA PHE B 430 9.49 15.54 -6.14
C PHE B 430 10.03 16.83 -6.73
N LYS B 431 9.29 17.94 -6.60
CA LYS B 431 9.80 19.19 -7.16
C LYS B 431 10.99 19.70 -6.36
N SER B 432 10.99 19.49 -5.04
CA SER B 432 12.04 20.05 -4.18
C SER B 432 13.40 19.48 -4.52
N ALA B 433 13.43 18.27 -5.08
CA ALA B 433 14.70 17.66 -5.44
C ALA B 433 15.29 18.26 -6.71
N MET B 434 14.53 19.08 -7.44
CA MET B 434 15.03 19.68 -8.68
C MET B 434 15.82 20.95 -8.38
N PRO B 435 16.73 21.33 -9.30
CA PRO B 435 16.98 20.72 -10.61
C PRO B 435 17.87 19.46 -10.62
N GLU B 436 18.61 19.17 -9.53
CA GLU B 436 19.53 18.04 -9.60
C GLU B 436 18.79 16.71 -9.74
N GLY B 437 17.57 16.63 -9.20
CA GLY B 437 16.68 15.49 -9.46
C GLY B 437 16.76 14.38 -8.42
N TYR B 438 16.15 13.25 -8.79
CA TYR B 438 16.08 12.11 -7.88
C TYR B 438 16.22 10.82 -8.68
N VAL B 439 16.65 9.78 -7.96
CA VAL B 439 16.64 8.42 -8.47
C VAL B 439 15.31 7.80 -8.08
N GLN B 440 14.66 7.11 -9.01
CA GLN B 440 13.40 6.43 -8.71
C GLN B 440 13.58 4.96 -9.04
N GLU B 441 13.37 4.09 -8.05
CA GLU B 441 13.53 2.66 -8.23
C GLU B 441 12.21 1.96 -7.92
N ARG B 442 11.86 0.97 -8.74
CA ARG B 442 10.62 0.21 -8.50
C ARG B 442 10.88 -1.28 -8.69
N THR B 443 10.08 -2.07 -7.97
CA THR B 443 9.84 -3.47 -8.29
C THR B 443 8.35 -3.56 -8.56
N ILE B 444 7.99 -3.98 -9.77
CA ILE B 444 6.60 -4.16 -10.18
C ILE B 444 6.36 -5.66 -10.32
N SER B 445 5.44 -6.17 -9.51
CA SER B 445 5.18 -7.60 -9.42
C SER B 445 3.85 -7.89 -10.10
N PHE B 446 3.90 -8.62 -11.21
CA PHE B 446 2.69 -8.98 -11.96
C PHE B 446 2.18 -10.31 -11.43
N LYS B 447 0.93 -10.30 -10.96
CA LYS B 447 0.39 -11.46 -10.24
C LYS B 447 0.38 -12.68 -11.16
N ASP B 448 0.84 -13.81 -10.62
CA ASP B 448 0.93 -15.07 -11.36
C ASP B 448 1.89 -14.97 -12.54
N ASP B 449 2.81 -14.00 -12.51
CA ASP B 449 3.68 -13.77 -13.66
C ASP B 449 4.98 -13.13 -13.15
N GLY B 450 5.69 -12.44 -14.05
CA GLY B 450 7.05 -12.00 -13.79
C GLY B 450 7.11 -10.64 -13.11
N THR B 451 8.33 -10.11 -13.02
CA THR B 451 8.57 -8.86 -12.30
C THR B 451 9.39 -7.92 -13.18
N TYR B 452 9.07 -6.62 -13.11
CA TYR B 452 9.94 -5.57 -13.63
C TYR B 452 10.74 -4.98 -12.48
N LYS B 453 12.02 -4.71 -12.71
CA LYS B 453 12.83 -3.93 -11.79
C LYS B 453 13.34 -2.72 -12.56
N THR B 454 13.08 -1.52 -12.05
CA THR B 454 13.41 -0.31 -12.78
C THR B 454 14.27 0.62 -11.93
N ARG B 455 15.18 1.31 -12.62
CA ARG B 455 15.95 2.37 -11.99
C ARG B 455 15.99 3.53 -12.96
N ALA B 456 15.59 4.70 -12.49
CA ALA B 456 15.53 5.89 -13.33
C ALA B 456 16.17 7.08 -12.62
N GLU B 457 16.69 8.01 -13.43
CA GLU B 457 17.09 9.33 -12.96
C GLU B 457 16.14 10.35 -13.56
N VAL B 458 15.50 11.14 -12.71
CA VAL B 458 14.58 12.19 -13.13
C VAL B 458 15.23 13.50 -12.73
N LYS B 459 15.59 14.33 -13.71
CA LYS B 459 16.34 15.54 -13.40
C LYS B 459 16.23 16.51 -14.56
N PHE B 460 16.52 17.78 -14.28
CA PHE B 460 16.61 18.76 -15.35
C PHE B 460 17.94 18.62 -16.08
N GLU B 461 17.88 18.65 -17.41
CA GLU B 461 19.06 18.80 -18.25
C GLU B 461 18.79 20.07 -19.06
N GLY B 462 19.45 21.18 -18.69
CA GLY B 462 19.03 22.46 -19.22
C GLY B 462 17.62 22.77 -18.77
N ASP B 463 16.79 23.19 -19.72
CA ASP B 463 15.41 23.56 -19.40
C ASP B 463 14.44 22.38 -19.51
N THR B 464 14.94 21.17 -19.75
CA THR B 464 14.09 20.01 -20.01
C THR B 464 14.12 19.04 -18.84
N LEU B 465 12.94 18.56 -18.43
CA LEU B 465 12.83 17.51 -17.43
C LEU B 465 13.01 16.17 -18.11
N VAL B 466 14.04 15.42 -17.72
CA VAL B 466 14.42 14.19 -18.41
C VAL B 466 14.20 13.02 -17.45
N ASN B 467 13.55 11.97 -17.95
CA ASN B 467 13.38 10.71 -17.22
C ASN B 467 14.14 9.64 -17.99
N ARG B 468 15.27 9.19 -17.43
CA ARG B 468 16.14 8.21 -18.07
C ARG B 468 16.12 6.90 -17.28
N ILE B 469 15.63 5.83 -17.92
CA ILE B 469 15.26 4.59 -17.23
C ILE B 469 16.00 3.39 -17.78
N GLU B 470 16.31 2.45 -16.89
CA GLU B 470 16.69 1.09 -17.26
C GLU B 470 15.72 0.12 -16.60
N LEU B 471 15.19 -0.80 -17.40
CA LEU B 471 14.18 -1.76 -16.95
C LEU B 471 14.68 -3.17 -17.23
N LYS B 472 14.50 -4.06 -16.25
CA LYS B 472 14.83 -5.48 -16.40
C LYS B 472 13.63 -6.30 -15.97
N GLY B 473 13.09 -7.11 -16.87
CA GLY B 473 11.99 -8.00 -16.57
C GLY B 473 12.47 -9.45 -16.63
N ILE B 474 12.07 -10.23 -15.63
CA ILE B 474 12.45 -11.65 -15.55
C ILE B 474 11.25 -12.48 -15.13
N ASP B 475 11.34 -13.77 -15.42
CA ASP B 475 10.37 -14.77 -14.94
C ASP B 475 8.97 -14.58 -15.52
N PHE B 476 8.87 -14.03 -16.71
CA PHE B 476 7.56 -13.88 -17.34
C PHE B 476 7.18 -15.15 -18.11
N LYS B 477 5.87 -15.39 -18.18
CA LYS B 477 5.34 -16.53 -18.90
C LYS B 477 5.10 -16.15 -20.36
N GLU B 478 5.68 -16.95 -21.28
CA GLU B 478 5.49 -16.67 -22.70
C GLU B 478 4.02 -16.64 -23.08
N ASP B 479 3.19 -17.43 -22.40
CA ASP B 479 1.76 -17.53 -22.61
CA ASP B 479 1.76 -17.45 -22.68
C ASP B 479 0.96 -16.59 -21.73
N GLY B 480 1.62 -15.82 -20.86
CA GLY B 480 0.93 -14.95 -19.93
C GLY B 480 0.36 -13.71 -20.60
N ASN B 481 -0.25 -12.86 -19.76
CA ASN B 481 -0.94 -11.69 -20.28
C ASN B 481 0.04 -10.65 -20.81
N ILE B 482 1.30 -10.68 -20.36
CA ILE B 482 2.27 -9.67 -20.74
C ILE B 482 2.98 -10.12 -22.02
N LEU B 483 3.70 -11.24 -21.95
CA LEU B 483 4.43 -11.69 -23.13
C LEU B 483 3.51 -12.24 -24.21
N GLY B 484 2.28 -12.58 -23.85
CA GLY B 484 1.28 -12.96 -24.82
C GLY B 484 0.38 -11.84 -25.31
N HIS B 485 0.62 -10.60 -24.88
CA HIS B 485 -0.10 -9.42 -25.36
C HIS B 485 -1.62 -9.57 -25.28
N LYS B 486 -2.10 -9.76 -24.05
CA LYS B 486 -3.53 -9.95 -23.79
C LYS B 486 -4.14 -8.77 -23.04
N LEU B 487 -3.45 -7.64 -22.92
CA LEU B 487 -3.97 -6.49 -22.20
C LEU B 487 -4.67 -5.52 -23.13
N GLU B 488 -5.81 -5.00 -22.69
CA GLU B 488 -6.48 -3.93 -23.42
C GLU B 488 -5.58 -2.70 -23.44
N TYR B 489 -5.72 -1.93 -24.53
CA TYR B 489 -4.95 -0.70 -24.71
C TYR B 489 -5.69 0.43 -24.01
N ASN B 490 -5.57 0.47 -22.69
CA ASN B 490 -6.23 1.52 -21.91
C ASN B 490 -5.65 1.52 -20.51
N PHE B 491 -6.15 2.44 -19.69
CA PHE B 491 -5.73 2.58 -18.30
C PHE B 491 -6.94 2.94 -17.45
N ASN B 492 -6.85 2.59 -16.16
CA ASN B 492 -7.82 2.99 -15.15
C ASN B 492 -9.18 2.35 -15.38
N ASN B 493 -9.19 1.16 -15.98
CA ASN B 493 -10.37 0.28 -16.00
C ASN B 493 -11.64 0.96 -16.53
N PRO B 494 -11.63 1.42 -17.77
CA PRO B 494 -12.73 2.25 -18.27
C PRO B 494 -14.03 1.47 -18.47
N LEU B 495 -15.13 2.15 -18.22
CA LEU B 495 -16.48 1.68 -18.52
C LEU B 495 -17.10 2.69 -19.47
N ASN B 496 -17.76 2.21 -20.53
CA ASN B 496 -18.31 3.12 -21.54
C ASN B 496 -19.79 2.83 -21.71
N MET B 497 -20.61 3.84 -21.51
CA MET B 497 -22.04 3.65 -21.57
C MET B 497 -22.51 3.82 -23.01
N ASN B 498 -23.55 3.08 -23.35
CA ASN B 498 -24.20 3.18 -24.66
C ASN B 498 -25.62 3.61 -24.37
N PHE B 499 -25.84 4.93 -24.29
CA PHE B 499 -27.14 5.45 -23.88
C PHE B 499 -27.25 6.92 -24.28
N GLU B 500 -28.22 7.22 -25.12
CA GLU B 500 -28.39 8.57 -25.64
C GLU B 500 -29.22 9.41 -24.68
N LEU B 501 -28.96 10.71 -24.70
CA LEU B 501 -29.79 11.67 -23.97
C LEU B 501 -31.16 11.78 -24.63
N SER B 502 -32.20 11.44 -23.86
CA SER B 502 -33.54 11.39 -24.43
C SER B 502 -34.19 12.78 -24.44
N ASP B 503 -35.27 12.89 -25.22
CA ASP B 503 -36.06 14.11 -25.23
C ASP B 503 -36.60 14.43 -23.85
N GLU B 504 -36.96 13.40 -23.07
CA GLU B 504 -37.50 13.65 -21.73
C GLU B 504 -36.46 14.28 -20.82
N MET B 505 -35.19 13.83 -20.89
CA MET B 505 -34.18 14.51 -20.08
C MET B 505 -33.84 15.91 -20.60
N LYS B 506 -33.83 16.13 -21.91
CA LYS B 506 -33.67 17.49 -22.41
C LYS B 506 -34.75 18.41 -21.82
N ALA B 507 -35.99 17.92 -21.74
CA ALA B 507 -37.07 18.72 -21.17
C ALA B 507 -36.93 18.89 -19.67
N LEU B 508 -36.46 17.85 -18.97
CA LEU B 508 -36.26 17.94 -17.52
C LEU B 508 -35.27 19.04 -17.18
N PHE B 509 -34.16 19.12 -17.91
CA PHE B 509 -33.11 20.09 -17.56
C PHE B 509 -33.61 21.52 -17.63
N LYS B 510 -34.55 21.80 -18.53
CA LYS B 510 -35.08 23.15 -18.70
C LYS B 510 -36.20 23.47 -17.71
N GLU B 511 -36.83 22.46 -17.12
CA GLU B 511 -37.95 22.67 -16.20
C GLU B 511 -37.91 21.65 -15.09
N PRO B 512 -37.11 21.89 -14.05
CA PRO B 512 -37.08 20.98 -12.90
C PRO B 512 -38.46 20.81 -12.28
N ASN B 513 -38.77 19.58 -11.85
CA ASN B 513 -40.05 19.28 -11.22
C ASN B 513 -39.89 18.02 -10.39
N ASP B 514 -40.89 17.78 -9.54
CA ASP B 514 -40.89 16.67 -8.59
C ASP B 514 -42.10 15.76 -8.76
N LYS B 515 -42.68 15.73 -9.96
CA LYS B 515 -43.96 15.03 -10.17
C LYS B 515 -43.74 13.59 -10.62
N ALA B 516 -44.48 12.68 -10.00
CA ALA B 516 -44.53 11.30 -10.49
C ALA B 516 -45.10 11.28 -11.90
N LEU B 517 -44.54 10.42 -12.74
CA LEU B 517 -45.00 10.32 -14.12
C LEU B 517 -46.25 9.44 -14.25
N ASP C . 35.96 -5.90 7.72
CA ASP C . 36.31 -6.43 6.40
C ASP C . 37.02 -5.35 5.57
O ASP C . 37.18 -4.22 6.01
CB ASP C . 35.06 -6.97 5.67
CG ASP C . 34.02 -5.87 5.32
OD1 ASP C . 34.40 -4.77 4.93
OD2 ASP C . 32.80 -6.13 5.41
OXT ASP C . 37.43 -5.59 4.43
N ASP D . -36.40 2.56 -10.50
CA ASP D . -36.83 1.20 -10.15
C ASP D . -37.56 1.21 -8.82
O ASP D . -37.72 2.26 -8.19
CB ASP D . -35.66 0.22 -10.11
CG ASP D . -34.61 0.52 -9.01
OD1 ASP D . -34.97 0.83 -7.86
OD2 ASP D . -33.40 0.42 -9.31
OXT ASP D . -38.01 0.15 -8.35
#